data_2AMX
#
_entry.id   2AMX
#
_cell.length_a   66.719
_cell.length_b   90.332
_cell.length_c   137.086
_cell.angle_alpha   90.00
_cell.angle_beta   90.00
_cell.angle_gamma   90.00
#
_symmetry.space_group_name_H-M   'P 21 21 21'
#
loop_
_entity.id
_entity.type
_entity.pdbx_description
1 polymer 'adenosine deaminase'
2 non-polymer 'COBALT (II) ION'
3 non-polymer 'UNKNOWN ATOM OR ION'
4 water water
#
_entity_poly.entity_id   1
_entity_poly.type   'polypeptide(L)'
_entity_poly.pdbx_seq_one_letter_code
;MGSSHHHHHHSSGLVPRGSEIKFLKKEDVQNIDLNGMSKKERYEIWRRIPKVELHCHLDLTFSAEFFLKWARKYNLQPNM
SDDEILDHYLFTKEGKSLAEFIRKAISVSDLYRDYDFIEDLAKWAVIEKYKEGVVLMEFRYSPTFVSSSYGLDVELIHKA
FIKGIKNATELLNNKIHVALICISDTGHAAASIKHSGDFAIKHKHDFVGFDHGGREIDLKDHKDVYHSVRDHGLHLTVHA
GEDATLPNLNTLYTAINILNVERIGHGIRVSESDELIELVKKKDILLEVCPISNLLLNNVKSMDTHPIRKLYDAGVKVSV
NSDDPGMFLSNINDNYEKLYIHLNFTLEEFMIMNNWAFEKSFVSDDVKSELKALYF
;
_entity_poly.pdbx_strand_id   A,B
#
loop_
_chem_comp.id
_chem_comp.type
_chem_comp.name
_chem_comp.formula
CO non-polymer 'COBALT (II) ION' 'Co 2'
UNX non-polymer 'UNKNOWN ATOM OR ION' ?
#
# COMPACT_ATOMS: atom_id res chain seq x y z
N GLY A 13 -38.08 7.34 18.88
CA GLY A 13 -36.87 8.23 18.75
C GLY A 13 -36.29 8.47 20.15
N LEU A 14 -34.96 8.36 20.28
CA LEU A 14 -34.31 8.28 21.61
C LEU A 14 -33.95 9.60 22.34
N VAL A 15 -33.61 10.65 21.60
CA VAL A 15 -33.29 11.94 22.23
C VAL A 15 -34.55 12.69 22.68
N PRO A 16 -34.60 13.05 23.96
CA PRO A 16 -35.76 13.82 24.50
C PRO A 16 -36.02 15.11 23.68
N ARG A 17 -37.29 15.52 23.59
CA ARG A 17 -37.72 16.66 22.77
C ARG A 17 -36.87 17.95 22.84
N GLY A 18 -36.69 18.49 24.04
CA GLY A 18 -35.97 19.76 24.23
C GLY A 18 -34.45 19.69 24.26
N SER A 19 -33.90 18.53 23.90
CA SER A 19 -32.46 18.33 23.95
C SER A 19 -31.82 18.33 22.56
N GLU A 20 -32.56 18.74 21.53
CA GLU A 20 -32.01 18.79 20.19
C GLU A 20 -31.09 20.02 20.10
N ILE A 21 -30.02 19.94 19.29
CA ILE A 21 -29.05 21.05 19.23
C ILE A 21 -29.73 22.36 18.84
N LYS A 22 -29.35 23.44 19.51
CA LYS A 22 -29.90 24.75 19.20
C LYS A 22 -29.04 25.36 18.13
N PHE A 23 -29.32 25.01 16.88
CA PHE A 23 -28.44 25.44 15.78
C PHE A 23 -28.48 26.96 15.64
N LEU A 24 -27.31 27.52 15.31
CA LEU A 24 -27.11 28.96 15.08
C LEU A 24 -27.91 29.48 13.90
N LYS A 25 -28.64 30.57 14.17
CA LYS A 25 -29.34 31.34 13.15
C LYS A 25 -28.43 32.48 12.65
N LYS A 26 -28.50 32.84 11.36
CA LYS A 26 -27.93 34.12 10.84
C LYS A 26 -27.92 35.21 11.92
N GLU A 27 -29.01 35.23 12.70
CA GLU A 27 -29.33 36.25 13.70
C GLU A 27 -28.71 36.03 15.09
N ASP A 28 -28.19 34.82 15.35
CA ASP A 28 -27.38 34.50 16.54
C ASP A 28 -25.88 34.82 16.33
N VAL A 29 -25.45 34.85 15.07
CA VAL A 29 -24.01 34.98 14.72
C VAL A 29 -23.34 36.21 15.35
N GLN A 30 -23.89 37.40 15.11
CA GLN A 30 -23.24 38.62 15.61
C GLN A 30 -23.25 38.74 17.14
N ASN A 31 -24.21 38.10 17.79
CA ASN A 31 -24.27 38.08 19.26
C ASN A 31 -23.17 37.23 19.90
N ILE A 32 -22.60 36.32 19.11
CA ILE A 32 -21.54 35.44 19.59
C ILE A 32 -20.21 36.18 19.72
N ASP A 33 -19.58 36.12 20.89
CA ASP A 33 -18.20 36.63 21.04
C ASP A 33 -17.16 35.51 21.27
N LEU A 34 -16.54 35.07 20.20
CA LEU A 34 -15.68 33.89 20.23
C LEU A 34 -14.41 34.11 21.01
N ASN A 35 -13.93 35.35 20.97
CA ASN A 35 -12.69 35.74 21.64
C ASN A 35 -12.83 35.84 23.16
N GLY A 36 -14.06 36.06 23.64
CA GLY A 36 -14.34 35.94 25.06
C GLY A 36 -14.35 34.52 25.65
N MET A 37 -14.24 33.48 24.81
CA MET A 37 -14.52 32.09 25.25
C MET A 37 -13.36 31.16 25.55
N SER A 38 -13.60 30.21 26.46
CA SER A 38 -12.73 29.03 26.58
C SER A 38 -12.82 28.09 25.38
N LYS A 39 -11.84 27.20 25.29
CA LYS A 39 -11.80 26.14 24.27
C LYS A 39 -13.07 25.31 24.29
N LYS A 40 -13.49 24.90 25.48
CA LYS A 40 -14.73 24.13 25.65
C LYS A 40 -15.99 24.91 25.21
N GLU A 41 -16.05 26.19 25.57
CA GLU A 41 -17.15 27.07 25.14
C GLU A 41 -17.16 27.25 23.63
N ARG A 42 -15.97 27.44 23.07
CA ARG A 42 -15.80 27.60 21.61
C ARG A 42 -16.27 26.33 20.85
N TYR A 43 -16.00 25.15 21.43
CA TYR A 43 -16.35 23.88 20.78
C TYR A 43 -17.85 23.73 20.68
N GLU A 44 -18.58 24.20 21.71
CA GLU A 44 -20.05 24.26 21.65
C GLU A 44 -20.59 25.22 20.58
N ILE A 45 -19.81 26.24 20.24
CA ILE A 45 -20.19 27.07 19.11
C ILE A 45 -19.97 26.32 17.78
N TRP A 46 -18.81 25.67 17.58
CA TRP A 46 -18.60 24.85 16.36
C TRP A 46 -19.74 23.83 16.24
N ARG A 47 -20.12 23.23 17.38
CA ARG A 47 -21.18 22.21 17.41
C ARG A 47 -22.50 22.78 16.92
N ARG A 48 -22.78 24.03 17.27
CA ARG A 48 -24.09 24.64 16.92
C ARG A 48 -24.18 25.20 15.50
N ILE A 49 -23.05 25.23 14.78
CA ILE A 49 -23.14 25.44 13.33
C ILE A 49 -23.83 24.25 12.68
N PRO A 50 -24.93 24.50 11.90
CA PRO A 50 -25.66 23.36 11.31
C PRO A 50 -24.96 22.80 10.07
N LYS A 51 -24.05 21.87 10.31
CA LYS A 51 -22.99 21.64 9.33
C LYS A 51 -23.38 20.73 8.18
N VAL A 52 -23.02 21.14 6.97
CA VAL A 52 -23.04 20.26 5.78
C VAL A 52 -21.60 19.74 5.49
N GLU A 53 -21.35 18.44 5.73
CA GLU A 53 -20.01 17.86 5.53
C GLU A 53 -19.97 17.00 4.25
N LEU A 54 -19.04 17.33 3.35
CA LEU A 54 -18.96 16.80 1.99
C LEU A 54 -17.90 15.72 1.79
N HIS A 55 -16.85 15.74 2.62
CA HIS A 55 -15.71 14.87 2.45
C HIS A 55 -15.29 14.14 3.72
N CYS A 56 -15.76 12.90 3.82
CA CYS A 56 -15.50 12.03 4.97
C CYS A 56 -15.68 10.57 4.54
N HIS A 57 -14.63 9.78 4.68
CA HIS A 57 -14.58 8.39 4.27
C HIS A 57 -15.20 7.60 5.44
N LEU A 58 -16.44 7.15 5.25
CA LEU A 58 -17.18 6.37 6.24
C LEU A 58 -16.42 5.11 6.67
N ASP A 59 -15.71 4.51 5.72
CA ASP A 59 -15.00 3.25 6.02
C ASP A 59 -13.81 3.42 6.95
N LEU A 60 -13.38 4.67 7.17
CA LEU A 60 -12.38 5.06 8.19
C LEU A 60 -12.92 6.12 9.20
N THR A 61 -14.21 6.06 9.49
CA THR A 61 -14.83 6.99 10.45
C THR A 61 -15.21 6.22 11.68
N PHE A 62 -14.56 6.54 12.82
CA PHE A 62 -14.87 5.93 14.13
C PHE A 62 -14.27 6.77 15.25
N SER A 63 -14.86 6.68 16.44
CA SER A 63 -14.29 7.16 17.69
C SER A 63 -13.27 6.15 18.23
N ALA A 64 -12.42 6.59 19.17
CA ALA A 64 -11.51 5.70 19.86
C ALA A 64 -12.24 4.57 20.58
N GLU A 65 -13.34 4.93 21.23
CA GLU A 65 -14.13 3.97 22.00
C GLU A 65 -14.77 2.88 21.12
N PHE A 66 -15.31 3.24 19.96
CA PHE A 66 -15.82 2.24 18.99
C PHE A 66 -14.71 1.26 18.56
N PHE A 67 -13.55 1.82 18.22
CA PHE A 67 -12.43 1.03 17.71
C PHE A 67 -11.92 0.03 18.75
N LEU A 68 -11.73 0.50 19.98
CA LEU A 68 -11.35 -0.39 21.09
C LEU A 68 -12.39 -1.47 21.37
N LYS A 69 -13.68 -1.11 21.36
CA LYS A 69 -14.78 -2.13 21.52
C LYS A 69 -14.58 -3.30 20.54
N TRP A 70 -14.38 -2.97 19.26
CA TRP A 70 -14.22 -3.99 18.25
C TRP A 70 -12.89 -4.72 18.30
N ALA A 71 -11.81 -4.01 18.58
CA ALA A 71 -10.49 -4.64 18.74
C ALA A 71 -10.50 -5.67 19.88
N ARG A 72 -11.15 -5.32 21.00
CA ARG A 72 -11.40 -6.31 22.09
C ARG A 72 -12.32 -7.45 21.71
N LYS A 73 -13.43 -7.13 21.07
CA LYS A 73 -14.33 -8.20 20.62
C LYS A 73 -13.65 -9.21 19.69
N TYR A 74 -12.83 -8.73 18.77
CA TYR A 74 -12.06 -9.60 17.86
C TYR A 74 -10.79 -10.20 18.48
N ASN A 75 -10.59 -9.95 19.79
CA ASN A 75 -9.37 -10.36 20.53
C ASN A 75 -8.06 -10.06 19.76
N LEU A 76 -7.94 -8.82 19.26
CA LEU A 76 -6.82 -8.46 18.36
C LEU A 76 -5.46 -8.36 19.07
N GLN A 77 -5.48 -7.80 20.27
CA GLN A 77 -4.23 -7.40 20.93
C GLN A 77 -4.45 -7.57 22.43
N PRO A 78 -4.71 -8.81 22.88
CA PRO A 78 -5.02 -9.00 24.30
C PRO A 78 -3.90 -8.50 25.26
N ASN A 79 -2.65 -8.43 24.79
CA ASN A 79 -1.58 -7.94 25.66
C ASN A 79 -1.22 -6.47 25.54
N MET A 80 -2.01 -5.71 24.78
CA MET A 80 -1.85 -4.26 24.69
C MET A 80 -2.83 -3.51 25.55
N SER A 81 -2.38 -2.37 26.07
CA SER A 81 -3.30 -1.40 26.69
C SER A 81 -4.17 -0.68 25.62
N ASP A 82 -5.25 -0.03 26.04
CA ASP A 82 -6.07 0.76 25.09
C ASP A 82 -5.18 1.72 24.30
N ASP A 83 -4.29 2.44 25.01
CA ASP A 83 -3.40 3.38 24.33
C ASP A 83 -2.45 2.68 23.38
N GLU A 84 -1.94 1.51 23.71
CA GLU A 84 -1.04 0.81 22.78
C GLU A 84 -1.79 0.39 21.49
N ILE A 85 -3.05 -0.03 21.64
CA ILE A 85 -3.91 -0.36 20.51
C ILE A 85 -4.14 0.85 19.57
N LEU A 86 -4.48 2.00 20.13
CA LEU A 86 -4.64 3.19 19.32
C LEU A 86 -3.33 3.54 18.55
N ASP A 87 -2.20 3.52 19.28
CA ASP A 87 -0.88 3.75 18.71
C ASP A 87 -0.57 2.78 17.57
N HIS A 88 -0.86 1.49 17.82
CA HIS A 88 -0.62 0.43 16.87
C HIS A 88 -1.34 0.60 15.51
N TYR A 89 -2.61 0.95 15.53
CA TYR A 89 -3.46 1.00 14.31
C TYR A 89 -3.64 2.38 13.67
N LEU A 90 -3.63 3.44 14.47
CA LEU A 90 -4.11 4.76 13.98
C LEU A 90 -3.02 5.77 13.69
N PHE A 91 -3.42 6.96 13.26
CA PHE A 91 -2.48 7.91 12.67
C PHE A 91 -2.75 9.31 13.22
N THR A 92 -2.45 9.50 14.50
CA THR A 92 -2.91 10.70 15.20
C THR A 92 -1.80 11.73 15.46
N LYS A 93 -0.56 11.37 15.17
CA LYS A 93 0.61 12.17 15.54
C LYS A 93 1.29 12.84 14.34
N GLU A 94 1.73 14.08 14.56
CA GLU A 94 2.49 14.81 13.54
C GLU A 94 3.85 14.12 13.31
N GLY A 95 4.45 14.32 12.12
CA GLY A 95 5.81 13.87 11.83
C GLY A 95 6.00 12.62 10.96
N LYS A 96 4.90 11.96 10.59
CA LYS A 96 4.96 10.70 9.83
C LYS A 96 4.51 10.87 8.36
N SER A 97 4.69 9.83 7.54
CA SER A 97 4.51 9.94 6.08
C SER A 97 3.12 9.52 5.56
N LEU A 98 2.81 9.82 4.29
CA LEU A 98 1.60 9.30 3.62
C LEU A 98 1.61 7.78 3.51
N ALA A 99 2.75 7.24 3.08
CA ALA A 99 3.02 5.79 3.06
C ALA A 99 2.57 5.09 4.34
N GLU A 100 2.90 5.68 5.49
CA GLU A 100 2.65 5.03 6.78
C GLU A 100 1.17 5.10 7.11
N PHE A 101 0.54 6.20 6.74
CA PHE A 101 -0.91 6.29 6.79
C PHE A 101 -1.54 5.20 5.94
N ILE A 102 -1.03 5.02 4.70
CA ILE A 102 -1.51 3.98 3.81
C ILE A 102 -1.41 2.61 4.46
N ARG A 103 -0.25 2.30 5.04
CA ARG A 103 -0.03 1.05 5.72
C ARG A 103 -0.99 0.78 6.93
N LYS A 104 -1.22 1.81 7.75
CA LYS A 104 -2.11 1.66 8.93
C LYS A 104 -3.56 1.58 8.51
N ALA A 105 -3.96 2.36 7.50
CA ALA A 105 -5.28 2.22 6.92
C ALA A 105 -5.51 0.76 6.49
N ILE A 106 -4.53 0.14 5.79
CA ILE A 106 -4.68 -1.27 5.41
C ILE A 106 -4.70 -2.17 6.64
N SER A 107 -3.87 -1.84 7.62
CA SER A 107 -3.91 -2.57 8.88
C SER A 107 -5.32 -2.52 9.55
N VAL A 108 -5.94 -1.34 9.58
CA VAL A 108 -7.31 -1.16 10.03
C VAL A 108 -8.36 -2.01 9.24
N SER A 109 -8.14 -2.26 7.95
CA SER A 109 -9.14 -3.01 7.14
C SER A 109 -9.21 -4.44 7.63
N ASP A 110 -8.29 -4.82 8.50
CA ASP A 110 -8.38 -6.15 9.16
C ASP A 110 -9.62 -6.34 10.04
N LEU A 111 -10.23 -5.24 10.47
CA LEU A 111 -11.47 -5.39 11.26
C LEU A 111 -12.73 -5.68 10.42
N TYR A 112 -12.60 -5.55 9.08
CA TYR A 112 -13.73 -5.81 8.18
C TYR A 112 -13.98 -7.31 8.03
N ARG A 113 -14.38 -7.93 9.14
CA ARG A 113 -14.46 -9.40 9.24
C ARG A 113 -15.85 -9.93 8.97
N ASP A 114 -16.86 -9.09 9.16
CA ASP A 114 -18.24 -9.54 9.04
C ASP A 114 -19.14 -8.30 8.87
N TYR A 115 -20.42 -8.53 8.59
CA TYR A 115 -21.38 -7.47 8.31
C TYR A 115 -21.86 -6.79 9.59
N ASP A 116 -21.74 -7.47 10.74
CA ASP A 116 -22.08 -6.86 12.02
C ASP A 116 -21.16 -5.67 12.30
N PHE A 117 -19.83 -5.83 12.09
CA PHE A 117 -18.91 -4.68 12.21
C PHE A 117 -19.31 -3.49 11.32
N ILE A 118 -19.62 -3.80 10.07
CA ILE A 118 -19.93 -2.77 9.09
C ILE A 118 -21.17 -1.98 9.47
N GLU A 119 -22.23 -2.70 9.87
CA GLU A 119 -23.46 -2.09 10.39
C GLU A 119 -23.18 -1.18 11.60
N ASP A 120 -22.39 -1.68 12.54
CA ASP A 120 -22.13 -0.95 13.81
C ASP A 120 -21.25 0.27 13.55
N LEU A 121 -20.26 0.11 12.66
CA LEU A 121 -19.46 1.22 12.15
C LEU A 121 -20.36 2.36 11.61
N ALA A 122 -21.25 2.02 10.67
CA ALA A 122 -22.16 3.01 10.08
C ALA A 122 -23.03 3.67 11.14
N LYS A 123 -23.62 2.84 11.99
CA LYS A 123 -24.50 3.35 13.06
C LYS A 123 -23.80 4.41 13.91
N TRP A 124 -22.60 4.09 14.45
CA TRP A 124 -21.90 5.01 15.35
C TRP A 124 -21.28 6.20 14.65
N ALA A 125 -21.00 6.05 13.37
CA ALA A 125 -20.43 7.13 12.54
C ALA A 125 -21.52 8.21 12.39
N VAL A 126 -22.77 7.77 12.11
CA VAL A 126 -23.93 8.65 12.08
C VAL A 126 -24.20 9.29 13.45
N ILE A 127 -24.21 8.49 14.50
CA ILE A 127 -24.48 9.04 15.82
C ILE A 127 -23.47 10.13 16.16
N GLU A 128 -22.17 9.86 15.92
CA GLU A 128 -21.14 10.84 16.28
C GLU A 128 -21.24 12.12 15.43
N LYS A 129 -21.55 11.99 14.15
CA LYS A 129 -21.77 13.19 13.31
C LYS A 129 -22.98 13.95 13.82
N TYR A 130 -24.06 13.25 14.08
CA TYR A 130 -25.22 13.91 14.67
C TYR A 130 -24.81 14.70 15.93
N LYS A 131 -24.06 14.07 16.83
CA LYS A 131 -23.67 14.71 18.09
C LYS A 131 -22.77 15.91 17.87
N GLU A 132 -21.97 15.88 16.78
CA GLU A 132 -21.11 17.02 16.33
C GLU A 132 -21.87 18.22 15.79
N GLY A 133 -23.18 18.05 15.58
CA GLY A 133 -23.98 19.08 14.98
C GLY A 133 -23.89 19.13 13.46
N VAL A 134 -23.65 17.99 12.84
CA VAL A 134 -23.77 17.83 11.34
C VAL A 134 -25.23 17.53 10.96
N VAL A 135 -25.81 18.30 10.03
CA VAL A 135 -27.23 18.12 9.65
C VAL A 135 -27.36 17.47 8.30
N LEU A 136 -26.30 17.58 7.53
CA LEU A 136 -26.32 16.98 6.22
C LEU A 136 -24.92 16.40 6.02
N MET A 137 -24.86 15.07 5.89
CA MET A 137 -23.60 14.35 5.93
C MET A 137 -23.50 13.51 4.67
N GLU A 138 -22.59 13.90 3.78
CA GLU A 138 -22.20 13.04 2.67
C GLU A 138 -21.03 12.13 3.08
N PHE A 139 -21.31 10.82 3.20
CA PHE A 139 -20.23 9.84 3.48
C PHE A 139 -19.82 9.18 2.18
N ARG A 140 -18.52 8.92 2.04
CA ARG A 140 -18.05 8.17 0.91
C ARG A 140 -17.40 6.90 1.41
N TYR A 141 -17.54 5.81 0.67
CA TYR A 141 -16.79 4.59 1.03
C TYR A 141 -16.33 3.90 -0.24
N SER A 142 -15.32 3.07 -0.09
CA SER A 142 -14.83 2.20 -1.17
C SER A 142 -15.28 0.72 -1.03
N PRO A 143 -16.20 0.26 -1.89
CA PRO A 143 -16.56 -1.18 -1.85
C PRO A 143 -15.36 -2.17 -1.94
N THR A 144 -14.38 -1.84 -2.76
CA THR A 144 -13.17 -2.67 -2.85
C THR A 144 -12.28 -2.63 -1.56
N PHE A 145 -12.05 -1.48 -0.94
CA PHE A 145 -11.30 -1.38 0.35
C PHE A 145 -11.95 -2.28 1.43
N VAL A 146 -13.26 -2.11 1.60
CA VAL A 146 -14.01 -2.89 2.58
C VAL A 146 -14.01 -4.43 2.34
N SER A 147 -14.23 -4.85 1.10
CA SER A 147 -14.24 -6.27 0.77
C SER A 147 -12.84 -6.88 0.74
N SER A 148 -11.80 -6.07 0.57
CA SER A 148 -10.45 -6.61 0.29
C SER A 148 -9.91 -7.62 1.33
N SER A 149 -10.01 -7.31 2.61
CA SER A 149 -9.24 -8.12 3.57
C SER A 149 -9.84 -9.52 3.80
N TYR A 150 -11.15 -9.60 3.95
CA TYR A 150 -11.83 -10.88 4.21
C TYR A 150 -12.70 -11.33 3.07
N GLY A 151 -12.65 -10.62 1.94
CA GLY A 151 -13.38 -11.08 0.75
C GLY A 151 -14.90 -11.01 0.96
N LEU A 152 -15.34 -9.99 1.70
CA LEU A 152 -16.75 -9.77 1.95
C LEU A 152 -17.43 -9.46 0.63
N ASP A 153 -18.69 -9.80 0.54
CA ASP A 153 -19.48 -9.60 -0.67
C ASP A 153 -19.89 -8.15 -0.73
N VAL A 154 -19.51 -7.45 -1.80
CA VAL A 154 -19.81 -5.98 -1.95
C VAL A 154 -21.30 -5.62 -1.89
N GLU A 155 -22.18 -6.50 -2.35
CA GLU A 155 -23.63 -6.27 -2.22
C GLU A 155 -24.07 -6.28 -0.74
N LEU A 156 -23.49 -7.18 0.02
CA LEU A 156 -23.86 -7.32 1.43
C LEU A 156 -23.19 -6.22 2.28
N ILE A 157 -22.02 -5.76 1.83
CA ILE A 157 -21.31 -4.66 2.48
C ILE A 157 -22.17 -3.41 2.30
N HIS A 158 -22.61 -3.18 1.07
CA HIS A 158 -23.47 -2.04 0.76
C HIS A 158 -24.79 -2.06 1.57
N LYS A 159 -25.43 -3.23 1.63
CA LYS A 159 -26.62 -3.39 2.46
C LYS A 159 -26.34 -3.13 3.94
N ALA A 160 -25.16 -3.55 4.44
CA ALA A 160 -24.82 -3.36 5.86
C ALA A 160 -24.65 -1.85 6.20
N PHE A 161 -23.99 -1.09 5.31
CA PHE A 161 -23.81 0.36 5.49
C PHE A 161 -25.16 1.05 5.42
N ILE A 162 -26.01 0.66 4.48
CA ILE A 162 -27.34 1.33 4.34
C ILE A 162 -28.18 1.05 5.58
N LYS A 163 -28.12 -0.19 6.06
CA LYS A 163 -28.89 -0.64 7.23
C LYS A 163 -28.39 0.09 8.50
N GLY A 164 -27.06 0.08 8.75
CA GLY A 164 -26.45 0.83 9.88
C GLY A 164 -26.88 2.31 9.88
N ILE A 165 -26.76 2.95 8.73
CA ILE A 165 -27.19 4.35 8.57
C ILE A 165 -28.73 4.58 8.83
N LYS A 166 -29.58 3.75 8.23
CA LYS A 166 -31.05 3.87 8.27
C LYS A 166 -31.52 3.73 9.68
N ASN A 167 -31.01 2.74 10.39
CA ASN A 167 -31.41 2.53 11.76
C ASN A 167 -30.94 3.62 12.73
N ALA A 168 -29.71 4.16 12.51
CA ALA A 168 -29.30 5.37 13.24
C ALA A 168 -30.17 6.59 12.90
N THR A 169 -30.48 6.84 11.63
CA THR A 169 -31.36 7.98 11.30
C THR A 169 -32.76 7.81 11.93
N GLU A 170 -33.26 6.57 12.00
CA GLU A 170 -34.54 6.27 12.65
C GLU A 170 -34.51 6.67 14.12
N LEU A 171 -33.46 6.26 14.81
CA LEU A 171 -33.24 6.61 16.19
C LEU A 171 -33.17 8.11 16.45
N LEU A 172 -32.66 8.85 15.48
CA LEU A 172 -32.42 10.30 15.62
C LEU A 172 -33.54 11.14 15.04
N ASN A 173 -34.69 10.53 14.74
CA ASN A 173 -35.83 11.29 14.24
C ASN A 173 -35.46 12.10 12.99
N ASN A 174 -34.63 11.53 12.10
CA ASN A 174 -34.19 12.27 10.90
C ASN A 174 -33.65 13.68 11.17
N LYS A 175 -33.00 13.85 12.34
CA LYS A 175 -32.36 15.11 12.71
C LYS A 175 -31.04 15.34 11.93
N ILE A 176 -30.57 14.25 11.31
CA ILE A 176 -29.44 14.31 10.41
C ILE A 176 -29.87 13.59 9.11
N HIS A 177 -29.48 14.15 7.97
CA HIS A 177 -29.72 13.52 6.70
C HIS A 177 -28.37 13.07 6.16
N VAL A 178 -28.32 11.84 5.65
CA VAL A 178 -27.08 11.18 5.25
C VAL A 178 -27.21 10.77 3.78
N ALA A 179 -26.15 10.93 2.99
CA ALA A 179 -26.13 10.42 1.63
C ALA A 179 -24.79 9.74 1.42
N LEU A 180 -24.66 9.02 0.31
CA LEU A 180 -23.52 8.16 0.09
C LEU A 180 -22.88 8.50 -1.26
N ILE A 181 -21.55 8.46 -1.26
CA ILE A 181 -20.73 8.65 -2.48
C ILE A 181 -19.91 7.36 -2.60
N CYS A 182 -19.84 6.84 -3.84
CA CYS A 182 -19.07 5.65 -4.14
C CYS A 182 -17.66 5.98 -4.62
N ILE A 183 -16.65 5.47 -3.92
CA ILE A 183 -15.24 5.57 -4.30
C ILE A 183 -14.86 4.44 -5.26
N SER A 184 -14.41 4.84 -6.45
CA SER A 184 -14.00 3.94 -7.51
C SER A 184 -12.84 3.04 -7.05
N ASP A 185 -12.83 1.78 -7.52
CA ASP A 185 -11.63 0.95 -7.42
C ASP A 185 -10.44 1.57 -8.15
N THR A 186 -9.25 1.06 -7.87
CA THR A 186 -8.00 1.62 -8.39
C THR A 186 -7.25 0.79 -9.47
N GLY A 187 -7.93 -0.18 -10.08
CA GLY A 187 -7.33 -0.93 -11.20
C GLY A 187 -6.75 -0.04 -12.29
N HIS A 188 -5.62 -0.45 -12.85
CA HIS A 188 -4.88 0.34 -13.82
C HIS A 188 -5.21 -0.08 -15.25
N ALA A 189 -5.69 -1.31 -15.39
CA ALA A 189 -6.08 -1.88 -16.67
C ALA A 189 -7.24 -1.12 -17.31
N ALA A 190 -7.22 -1.02 -18.64
CA ALA A 190 -8.24 -0.33 -19.44
C ALA A 190 -9.67 -0.84 -19.18
N ALA A 191 -9.78 -2.16 -18.99
CA ALA A 191 -11.05 -2.87 -18.84
C ALA A 191 -11.56 -2.80 -17.40
N SER A 192 -10.63 -2.58 -16.47
CA SER A 192 -11.03 -2.44 -15.10
C SER A 192 -11.50 -0.99 -14.88
N ILE A 193 -10.78 -0.02 -15.49
CA ILE A 193 -11.21 1.36 -15.62
C ILE A 193 -12.61 1.45 -16.26
N LYS A 194 -12.82 0.72 -17.35
CA LYS A 194 -14.13 0.74 -18.02
C LYS A 194 -15.28 0.34 -17.08
N HIS A 195 -14.99 -0.61 -16.21
CA HIS A 195 -16.01 -1.20 -15.35
C HIS A 195 -16.00 -0.63 -13.91
N SER A 196 -15.21 0.42 -13.66
CA SER A 196 -15.02 0.94 -12.32
C SER A 196 -16.23 1.72 -11.77
N GLY A 197 -17.14 2.11 -12.66
CA GLY A 197 -18.35 2.76 -12.25
C GLY A 197 -19.50 1.81 -12.18
N ASP A 198 -19.26 0.54 -12.46
CA ASP A 198 -20.40 -0.43 -12.53
C ASP A 198 -21.18 -0.54 -11.22
N PHE A 199 -20.46 -0.75 -10.15
CA PHE A 199 -21.13 -0.81 -8.85
C PHE A 199 -21.95 0.47 -8.49
N ALA A 200 -21.34 1.66 -8.64
CA ALA A 200 -22.00 2.96 -8.37
C ALA A 200 -23.28 3.14 -9.22
N ILE A 201 -23.17 2.83 -10.52
CA ILE A 201 -24.33 2.85 -11.43
C ILE A 201 -25.42 1.84 -11.03
N LYS A 202 -25.04 0.59 -10.76
CA LYS A 202 -25.99 -0.43 -10.34
C LYS A 202 -26.77 0.04 -9.11
N HIS A 203 -26.09 0.78 -8.24
CA HIS A 203 -26.68 1.26 -6.98
C HIS A 203 -26.91 2.78 -7.03
N LYS A 204 -27.16 3.31 -8.23
CA LYS A 204 -27.38 4.75 -8.41
C LYS A 204 -28.52 5.27 -7.53
N HIS A 205 -29.51 4.45 -7.25
CA HIS A 205 -30.51 4.97 -6.37
C HIS A 205 -30.07 5.16 -4.91
N ASP A 206 -28.93 4.55 -4.53
CA ASP A 206 -28.34 4.76 -3.18
C ASP A 206 -27.18 5.78 -3.09
N PHE A 207 -26.47 6.00 -4.21
CA PHE A 207 -25.37 6.92 -4.24
C PHE A 207 -25.82 8.23 -4.85
N VAL A 208 -25.30 9.34 -4.35
CA VAL A 208 -25.54 10.66 -4.96
C VAL A 208 -24.31 11.15 -5.73
N GLY A 209 -23.22 10.42 -5.59
CA GLY A 209 -21.94 10.91 -6.03
C GLY A 209 -20.99 9.76 -6.35
N PHE A 210 -19.94 10.10 -7.07
CA PHE A 210 -18.89 9.16 -7.46
C PHE A 210 -17.59 9.88 -7.20
N ASP A 211 -16.57 9.14 -6.77
CA ASP A 211 -15.30 9.72 -6.34
C ASP A 211 -14.13 8.80 -6.80
N HIS A 212 -12.93 9.36 -6.77
CA HIS A 212 -11.72 8.59 -6.93
C HIS A 212 -10.62 9.08 -5.95
N GLY A 213 -10.01 8.16 -5.20
CA GLY A 213 -8.92 8.52 -4.23
C GLY A 213 -7.68 7.66 -4.44
N GLY A 214 -7.06 7.22 -3.34
CA GLY A 214 -5.81 6.44 -3.41
C GLY A 214 -4.62 7.28 -3.88
N ARG A 215 -3.64 6.66 -4.52
CA ARG A 215 -2.51 7.39 -5.13
C ARG A 215 -3.00 8.51 -6.06
N GLU A 216 -2.49 9.72 -5.88
CA GLU A 216 -2.87 10.78 -6.80
C GLU A 216 -2.11 10.56 -8.10
N ILE A 217 -2.85 10.20 -9.13
CA ILE A 217 -2.21 9.84 -10.38
C ILE A 217 -2.94 10.48 -11.53
N ASP A 218 -2.42 10.21 -12.72
CA ASP A 218 -2.95 10.64 -14.02
C ASP A 218 -4.31 9.96 -14.27
N LEU A 219 -5.39 10.74 -14.14
CA LEU A 219 -6.76 10.25 -14.37
C LEU A 219 -7.37 10.63 -15.75
N LYS A 220 -6.51 10.97 -16.71
CA LYS A 220 -6.95 11.36 -18.05
C LYS A 220 -7.75 10.24 -18.69
N ASP A 221 -7.26 9.01 -18.53
CA ASP A 221 -7.94 7.84 -19.06
C ASP A 221 -9.16 7.36 -18.23
N HIS A 222 -9.57 8.14 -17.23
CA HIS A 222 -10.88 7.94 -16.57
C HIS A 222 -11.96 8.84 -17.16
N LYS A 223 -11.61 9.56 -18.22
CA LYS A 223 -12.54 10.46 -18.90
C LYS A 223 -13.89 9.82 -19.18
N ASP A 224 -13.88 8.64 -19.80
CA ASP A 224 -15.10 8.02 -20.33
C ASP A 224 -15.95 7.45 -19.22
N VAL A 225 -15.32 6.88 -18.21
CA VAL A 225 -16.06 6.28 -17.12
C VAL A 225 -16.64 7.40 -16.21
N TYR A 226 -15.89 8.47 -15.93
CA TYR A 226 -16.50 9.64 -15.25
C TYR A 226 -17.72 10.19 -16.02
N HIS A 227 -17.62 10.30 -17.35
CA HIS A 227 -18.78 10.71 -18.17
C HIS A 227 -19.96 9.72 -18.09
N SER A 228 -19.70 8.40 -18.22
CA SER A 228 -20.72 7.36 -18.09
C SER A 228 -21.46 7.45 -16.75
N VAL A 229 -20.71 7.69 -15.67
CA VAL A 229 -21.33 7.79 -14.36
C VAL A 229 -22.20 9.04 -14.26
N ARG A 230 -21.73 10.17 -14.79
CA ARG A 230 -22.61 11.34 -14.79
C ARG A 230 -23.84 11.18 -15.72
N ASP A 231 -23.71 10.41 -16.81
CA ASP A 231 -24.87 10.15 -17.66
C ASP A 231 -25.95 9.32 -16.93
N HIS A 232 -25.58 8.70 -15.81
CA HIS A 232 -26.54 7.93 -14.99
C HIS A 232 -26.96 8.67 -13.72
N GLY A 233 -26.74 9.97 -13.66
CA GLY A 233 -27.43 10.80 -12.66
C GLY A 233 -26.64 11.04 -11.39
N LEU A 234 -25.40 10.56 -11.34
CA LEU A 234 -24.52 10.75 -10.19
C LEU A 234 -23.60 11.93 -10.35
N HIS A 235 -23.40 12.65 -9.24
CA HIS A 235 -22.52 13.81 -9.23
C HIS A 235 -21.07 13.35 -9.13
N LEU A 236 -20.16 14.25 -9.51
CA LEU A 236 -18.78 13.86 -9.69
C LEU A 236 -17.90 14.72 -8.82
N THR A 237 -17.06 14.04 -8.05
CA THR A 237 -16.02 14.69 -7.31
C THR A 237 -14.77 13.85 -7.57
N VAL A 238 -13.60 14.34 -7.16
CA VAL A 238 -12.34 13.58 -7.35
C VAL A 238 -11.29 14.12 -6.37
N HIS A 239 -10.49 13.25 -5.76
CA HIS A 239 -9.33 13.74 -5.01
C HIS A 239 -8.31 14.21 -6.07
N ALA A 240 -7.91 15.46 -5.99
CA ALA A 240 -6.85 16.02 -6.84
C ALA A 240 -6.31 17.22 -6.11
N GLY A 241 -5.07 17.60 -6.40
CA GLY A 241 -4.45 18.76 -5.75
C GLY A 241 -4.25 18.63 -4.26
N GLU A 242 -4.06 17.40 -3.80
CA GLU A 242 -3.76 17.07 -2.42
C GLU A 242 -2.25 16.86 -2.22
N ASP A 243 -1.67 16.00 -3.06
CA ASP A 243 -0.33 15.46 -2.87
C ASP A 243 0.72 16.52 -3.17
N ALA A 244 1.31 17.02 -2.09
CA ALA A 244 2.41 18.00 -2.14
C ALA A 244 3.61 17.54 -2.97
N THR A 245 3.83 16.24 -3.07
CA THR A 245 5.07 15.71 -3.70
C THR A 245 5.10 15.73 -5.22
N LEU A 246 3.95 15.99 -5.84
CA LEU A 246 3.84 15.90 -7.30
C LEU A 246 4.59 17.06 -7.96
N PRO A 247 5.24 16.79 -9.12
CA PRO A 247 6.12 17.81 -9.76
C PRO A 247 5.40 18.91 -10.52
N ASN A 248 4.10 18.76 -10.68
CA ASN A 248 3.28 19.72 -11.41
C ASN A 248 1.83 19.66 -10.95
N LEU A 249 1.00 20.52 -11.52
CA LEU A 249 -0.44 20.57 -11.19
C LEU A 249 -1.34 19.94 -12.26
N ASN A 250 -0.79 19.05 -13.09
CA ASN A 250 -1.58 18.39 -14.13
C ASN A 250 -2.89 17.76 -13.65
N THR A 251 -2.82 17.00 -12.54
CA THR A 251 -3.96 16.30 -11.96
C THR A 251 -5.14 17.23 -11.76
N LEU A 252 -4.88 18.49 -11.40
CA LEU A 252 -5.95 19.47 -11.18
C LEU A 252 -6.60 19.92 -12.48
N TYR A 253 -5.78 20.14 -13.51
CA TYR A 253 -6.29 20.50 -14.82
C TYR A 253 -7.17 19.38 -15.33
N THR A 254 -6.70 18.13 -15.19
CA THR A 254 -7.44 16.89 -15.53
C THR A 254 -8.80 16.76 -14.78
N ALA A 255 -8.80 16.92 -13.45
CA ALA A 255 -10.06 16.99 -12.66
C ALA A 255 -11.11 17.96 -13.24
N ILE A 256 -10.67 19.20 -13.47
CA ILE A 256 -11.54 20.26 -13.90
C ILE A 256 -11.98 20.13 -15.38
N ASN A 257 -11.05 19.77 -16.28
CA ASN A 257 -11.31 19.93 -17.72
C ASN A 257 -11.61 18.59 -18.42
N ILE A 258 -11.06 17.52 -17.91
CA ILE A 258 -11.25 16.20 -18.54
C ILE A 258 -12.37 15.40 -17.80
N LEU A 259 -12.30 15.40 -16.47
CA LEU A 259 -13.26 14.67 -15.66
C LEU A 259 -14.52 15.48 -15.47
N ASN A 260 -14.42 16.78 -15.77
CA ASN A 260 -15.48 17.77 -15.52
C ASN A 260 -16.18 17.62 -14.15
N VAL A 261 -15.42 17.61 -13.08
CA VAL A 261 -16.05 17.42 -11.75
C VAL A 261 -16.77 18.66 -11.24
N GLU A 262 -17.74 18.46 -10.36
CA GLU A 262 -18.41 19.59 -9.71
C GLU A 262 -17.68 20.11 -8.47
N ARG A 263 -16.90 19.23 -7.87
CA ARG A 263 -16.11 19.52 -6.67
C ARG A 263 -14.84 18.72 -6.71
N ILE A 264 -13.86 19.19 -5.96
CA ILE A 264 -12.57 18.50 -5.88
C ILE A 264 -12.29 18.19 -4.40
N GLY A 265 -11.97 16.94 -4.07
CA GLY A 265 -11.56 16.63 -2.68
C GLY A 265 -10.14 17.17 -2.48
N HIS A 266 -9.99 18.01 -1.44
CA HIS A 266 -8.77 18.80 -1.15
C HIS A 266 -8.65 20.01 -2.09
N GLY A 267 -7.99 19.83 -3.22
CA GLY A 267 -7.79 20.92 -4.19
C GLY A 267 -6.84 22.00 -3.69
N ILE A 268 -6.12 21.74 -2.59
CA ILE A 268 -5.36 22.81 -1.91
C ILE A 268 -4.22 23.42 -2.77
N ARG A 269 -3.68 22.63 -3.70
CA ARG A 269 -2.60 23.09 -4.59
C ARG A 269 -3.12 23.99 -5.75
N VAL A 270 -4.41 24.27 -5.76
CA VAL A 270 -4.99 25.30 -6.63
C VAL A 270 -4.45 26.69 -6.20
N SER A 271 -4.17 26.82 -4.91
CA SER A 271 -3.66 28.08 -4.34
C SER A 271 -2.34 28.50 -5.01
N GLU A 272 -1.65 27.55 -5.62
CA GLU A 272 -0.30 27.77 -6.20
C GLU A 272 -0.32 28.32 -7.61
N SER A 273 -1.50 28.49 -8.18
CA SER A 273 -1.60 28.86 -9.56
C SER A 273 -2.73 29.85 -9.71
N ASP A 274 -2.39 31.07 -10.10
CA ASP A 274 -3.41 32.08 -10.41
C ASP A 274 -4.38 31.60 -11.50
N GLU A 275 -3.87 30.87 -12.49
CA GLU A 275 -4.70 30.35 -13.56
C GLU A 275 -5.79 29.37 -13.02
N LEU A 276 -5.34 28.43 -12.21
CA LEU A 276 -6.24 27.45 -11.53
C LEU A 276 -7.23 28.10 -10.59
N ILE A 277 -6.78 29.06 -9.77
CA ILE A 277 -7.67 29.86 -8.91
C ILE A 277 -8.81 30.42 -9.78
N GLU A 278 -8.44 31.02 -10.93
CA GLU A 278 -9.39 31.64 -11.85
C GLU A 278 -10.30 30.62 -12.52
N LEU A 279 -9.74 29.49 -12.98
CA LEU A 279 -10.54 28.41 -13.58
C LEU A 279 -11.60 27.81 -12.66
N VAL A 280 -11.19 27.50 -11.42
CA VAL A 280 -12.10 26.99 -10.37
C VAL A 280 -13.28 27.95 -10.14
N LYS A 281 -12.96 29.23 -9.88
CA LYS A 281 -13.98 30.25 -9.75
C LYS A 281 -14.93 30.35 -10.94
N LYS A 282 -14.35 30.22 -12.14
CA LYS A 282 -15.08 30.33 -13.41
C LYS A 282 -16.04 29.16 -13.57
N LYS A 283 -15.52 27.95 -13.38
CA LYS A 283 -16.34 26.76 -13.45
C LYS A 283 -17.21 26.57 -12.19
N ASP A 284 -17.11 27.49 -11.23
CA ASP A 284 -17.90 27.39 -9.98
C ASP A 284 -17.70 26.01 -9.27
N ILE A 285 -16.45 25.59 -9.15
CA ILE A 285 -16.14 24.32 -8.49
C ILE A 285 -15.86 24.61 -7.02
N LEU A 286 -16.27 23.71 -6.15
CA LEU A 286 -15.94 23.87 -4.75
C LEU A 286 -14.78 22.93 -4.38
N LEU A 287 -13.88 23.44 -3.52
CA LEU A 287 -12.82 22.63 -2.92
C LEU A 287 -13.20 22.11 -1.51
N GLU A 288 -13.17 20.78 -1.37
CA GLU A 288 -13.54 20.04 -0.15
C GLU A 288 -12.27 19.91 0.68
N VAL A 289 -12.04 20.90 1.52
CA VAL A 289 -10.76 21.03 2.26
C VAL A 289 -10.79 20.23 3.57
N CYS A 290 -9.71 19.50 3.83
CA CYS A 290 -9.61 18.64 5.01
C CYS A 290 -8.38 19.10 5.79
N PRO A 291 -8.52 20.17 6.61
CA PRO A 291 -7.32 20.77 7.23
C PRO A 291 -6.42 19.78 8.03
N ILE A 292 -6.96 19.08 9.01
CA ILE A 292 -6.19 18.09 9.81
C ILE A 292 -5.50 16.96 8.99
N SER A 293 -6.25 16.36 8.07
CA SER A 293 -5.68 15.42 7.11
C SER A 293 -4.42 15.98 6.42
N ASN A 294 -4.54 17.20 5.93
CA ASN A 294 -3.45 17.88 5.20
C ASN A 294 -2.19 18.05 6.05
N LEU A 295 -2.38 18.42 7.31
CA LEU A 295 -1.30 18.58 8.26
C LEU A 295 -0.68 17.22 8.61
N LEU A 296 -1.52 16.23 8.91
CA LEU A 296 -1.01 14.90 9.32
C LEU A 296 -0.29 14.15 8.17
N LEU A 297 -0.73 14.37 6.94
CA LEU A 297 -0.12 13.64 5.81
C LEU A 297 0.99 14.46 5.15
N ASN A 298 1.36 15.57 5.80
CA ASN A 298 2.46 16.43 5.41
C ASN A 298 2.20 17.09 4.05
N ASN A 299 0.93 17.45 3.81
CA ASN A 299 0.59 18.08 2.56
C ASN A 299 0.59 19.59 2.66
N VAL A 300 0.67 20.06 3.92
CA VAL A 300 0.96 21.44 4.26
C VAL A 300 2.10 21.41 5.27
N LYS A 301 2.86 22.50 5.37
CA LYS A 301 4.00 22.55 6.30
C LYS A 301 3.56 22.75 7.76
N SER A 302 2.56 23.58 7.96
CA SER A 302 1.94 23.71 9.27
C SER A 302 0.48 24.09 9.03
N MET A 303 -0.31 24.18 10.11
CA MET A 303 -1.68 24.71 9.97
C MET A 303 -1.64 26.23 9.76
N ASP A 304 -0.62 26.89 10.35
CA ASP A 304 -0.32 28.33 10.14
C ASP A 304 -0.20 28.75 8.67
N THR A 305 0.30 27.84 7.81
CA THR A 305 0.47 28.09 6.38
C THR A 305 -0.49 27.24 5.50
N HIS A 306 -1.59 26.74 6.10
CA HIS A 306 -2.56 26.01 5.30
C HIS A 306 -3.20 26.96 4.26
N PRO A 307 -3.19 26.54 2.99
CA PRO A 307 -3.65 27.46 1.95
C PRO A 307 -5.14 27.75 1.86
N ILE A 308 -5.97 27.24 2.79
CA ILE A 308 -7.42 27.54 2.77
C ILE A 308 -7.69 29.04 3.01
N ARG A 309 -6.88 29.66 3.87
CA ARG A 309 -6.89 31.12 4.06
C ARG A 309 -6.69 31.86 2.71
N LYS A 310 -5.66 31.50 1.97
CA LYS A 310 -5.38 32.13 0.69
C LYS A 310 -6.51 31.87 -0.33
N LEU A 311 -6.99 30.64 -0.37
CA LEU A 311 -8.03 30.26 -1.33
C LEU A 311 -9.33 30.99 -0.99
N TYR A 312 -9.68 31.03 0.30
CA TYR A 312 -10.88 31.72 0.73
C TYR A 312 -10.85 33.21 0.33
N ASP A 313 -9.76 33.88 0.66
CA ASP A 313 -9.58 35.32 0.41
C ASP A 313 -9.54 35.65 -1.08
N ALA A 314 -9.02 34.74 -1.90
CA ALA A 314 -9.02 34.81 -3.38
C ALA A 314 -10.37 34.59 -4.02
N GLY A 315 -11.40 34.23 -3.24
CA GLY A 315 -12.79 34.01 -3.73
C GLY A 315 -13.11 32.62 -4.26
N VAL A 316 -12.31 31.64 -3.88
CA VAL A 316 -12.59 30.25 -4.28
C VAL A 316 -13.59 29.67 -3.28
N LYS A 317 -14.64 29.01 -3.78
CA LYS A 317 -15.53 28.22 -2.92
C LYS A 317 -14.82 27.02 -2.27
N VAL A 318 -14.77 27.05 -0.93
CA VAL A 318 -14.12 26.00 -0.12
C VAL A 318 -15.05 25.56 1.03
N SER A 319 -15.00 24.28 1.41
CA SER A 319 -15.71 23.84 2.62
C SER A 319 -14.76 23.16 3.62
N VAL A 320 -15.20 23.09 4.89
CA VAL A 320 -14.48 22.34 5.95
C VAL A 320 -14.96 20.86 6.14
N ASN A 321 -13.98 19.94 6.20
CA ASN A 321 -14.23 18.49 6.19
C ASN A 321 -13.26 17.79 7.06
N SER A 322 -13.58 16.55 7.42
CA SER A 322 -12.73 15.81 8.38
C SER A 322 -11.91 14.69 7.72
N ASP A 323 -12.35 14.20 6.58
CA ASP A 323 -11.61 13.14 5.83
C ASP A 323 -11.65 11.73 6.43
N ASP A 324 -10.88 11.49 7.51
CA ASP A 324 -10.77 10.16 8.12
C ASP A 324 -10.75 10.25 9.64
N PRO A 325 -11.92 10.55 10.25
CA PRO A 325 -11.97 10.73 11.70
C PRO A 325 -11.35 9.59 12.49
N GLY A 326 -11.55 8.35 12.02
CA GLY A 326 -11.05 7.21 12.75
C GLY A 326 -9.52 7.18 12.76
N MET A 327 -8.92 7.37 11.59
CA MET A 327 -7.45 7.33 11.48
C MET A 327 -6.80 8.44 12.32
N PHE A 328 -7.45 9.59 12.35
CA PHE A 328 -6.83 10.80 12.92
C PHE A 328 -7.33 11.07 14.32
N LEU A 329 -8.36 10.32 14.76
CA LEU A 329 -9.03 10.57 16.03
C LEU A 329 -9.37 12.08 16.13
N SER A 330 -9.96 12.56 15.04
CA SER A 330 -10.37 13.95 14.94
C SER A 330 -11.60 14.02 14.08
N ASN A 331 -12.67 14.56 14.62
CA ASN A 331 -13.91 14.67 13.84
C ASN A 331 -14.09 16.12 13.30
N ILE A 332 -15.27 16.47 12.82
CA ILE A 332 -15.41 17.75 12.15
C ILE A 332 -15.12 19.02 12.99
N ASN A 333 -15.63 19.08 14.22
CA ASN A 333 -15.48 20.31 15.01
C ASN A 333 -14.00 20.60 15.35
N ASP A 334 -13.21 19.55 15.45
CA ASP A 334 -11.77 19.65 15.67
C ASP A 334 -11.13 20.39 14.49
N ASN A 335 -11.72 20.24 13.29
CA ASN A 335 -11.19 20.93 12.10
C ASN A 335 -11.49 22.43 12.14
N TYR A 336 -12.70 22.75 12.59
CA TYR A 336 -13.13 24.14 12.91
C TYR A 336 -12.16 24.78 13.88
N GLU A 337 -11.90 24.13 15.00
CA GLU A 337 -11.02 24.67 16.04
C GLU A 337 -9.64 25.03 15.48
N LYS A 338 -9.08 24.10 14.72
CA LYS A 338 -7.81 24.36 14.03
C LYS A 338 -7.79 25.62 13.17
N LEU A 339 -8.84 25.82 12.37
CA LEU A 339 -8.92 26.95 11.45
C LEU A 339 -9.05 28.26 12.25
N TYR A 340 -9.82 28.19 13.33
CA TYR A 340 -9.97 29.32 14.23
C TYR A 340 -8.63 29.79 14.84
N ILE A 341 -7.92 28.86 15.48
CA ILE A 341 -6.68 29.13 16.21
C ILE A 341 -5.52 29.58 15.30
N HIS A 342 -5.39 28.96 14.14
CA HIS A 342 -4.17 29.03 13.37
C HIS A 342 -4.28 29.94 12.21
N LEU A 343 -5.51 30.18 11.75
CA LEU A 343 -5.76 30.98 10.55
C LEU A 343 -6.81 32.08 10.74
N ASN A 344 -7.22 32.33 12.00
CA ASN A 344 -8.12 33.45 12.37
C ASN A 344 -9.43 33.36 11.59
N PHE A 345 -9.90 32.16 11.32
CA PHE A 345 -11.22 32.08 10.73
C PHE A 345 -12.24 32.58 11.74
N THR A 346 -13.29 33.22 11.23
CA THR A 346 -14.31 33.80 12.07
C THR A 346 -15.61 33.00 11.87
N LEU A 347 -16.58 33.18 12.78
CA LEU A 347 -17.92 32.58 12.65
C LEU A 347 -18.61 32.91 11.34
N GLU A 348 -18.53 34.18 10.96
CA GLU A 348 -19.01 34.70 9.70
C GLU A 348 -18.47 33.92 8.52
N GLU A 349 -17.16 33.68 8.48
CA GLU A 349 -16.58 32.92 7.36
C GLU A 349 -16.97 31.44 7.40
N PHE A 350 -16.93 30.80 8.57
CA PHE A 350 -17.53 29.48 8.74
C PHE A 350 -18.97 29.38 8.20
N MET A 351 -19.81 30.38 8.50
CA MET A 351 -21.20 30.36 8.04
C MET A 351 -21.24 30.50 6.52
N ILE A 352 -20.35 31.34 5.97
CA ILE A 352 -20.27 31.47 4.53
C ILE A 352 -19.87 30.16 3.85
N MET A 353 -18.83 29.49 4.33
CA MET A 353 -18.41 28.21 3.70
C MET A 353 -19.47 27.12 3.81
N ASN A 354 -20.16 27.09 4.98
CA ASN A 354 -21.22 26.11 5.22
C ASN A 354 -22.35 26.27 4.23
N ASN A 355 -22.66 27.53 3.90
CA ASN A 355 -23.70 27.80 2.92
C ASN A 355 -23.31 27.31 1.54
N TRP A 356 -22.05 27.49 1.17
CA TRP A 356 -21.54 26.94 -0.10
C TRP A 356 -21.57 25.43 -0.15
N ALA A 357 -21.18 24.80 0.96
CA ALA A 357 -21.26 23.34 1.12
C ALA A 357 -22.71 22.91 0.88
N PHE A 358 -23.64 23.58 1.54
CA PHE A 358 -25.05 23.30 1.34
C PHE A 358 -25.47 23.41 -0.13
N GLU A 359 -25.09 24.53 -0.75
CA GLU A 359 -25.38 24.76 -2.16
C GLU A 359 -24.73 23.77 -3.07
N LYS A 360 -23.49 23.36 -2.77
CA LYS A 360 -22.75 22.35 -3.56
C LYS A 360 -22.98 20.84 -3.16
N SER A 361 -23.85 20.62 -2.19
CA SER A 361 -24.23 19.28 -1.80
C SER A 361 -24.86 18.49 -2.99
N PHE A 362 -24.60 17.20 -3.04
CA PHE A 362 -25.12 16.32 -4.09
C PHE A 362 -26.52 15.72 -3.81
N VAL A 363 -27.13 16.07 -2.67
CA VAL A 363 -28.45 15.51 -2.27
C VAL A 363 -29.61 16.06 -3.15
N SER A 364 -30.79 15.44 -3.04
CA SER A 364 -31.93 15.81 -3.89
C SER A 364 -32.42 17.22 -3.61
N ASP A 365 -33.01 17.87 -4.59
CA ASP A 365 -33.64 19.17 -4.40
C ASP A 365 -34.64 19.17 -3.22
N ASP A 366 -35.31 18.03 -3.05
CA ASP A 366 -36.31 17.85 -1.97
C ASP A 366 -35.72 17.80 -0.54
N VAL A 367 -34.60 17.11 -0.37
CA VAL A 367 -33.85 17.10 0.89
C VAL A 367 -33.33 18.53 1.11
N LYS A 368 -32.83 19.16 0.06
CA LYS A 368 -32.36 20.54 0.18
C LYS A 368 -33.47 21.54 0.54
N SER A 369 -34.65 21.45 -0.09
CA SER A 369 -35.73 22.38 0.30
C SER A 369 -36.09 22.24 1.77
N GLU A 370 -36.14 21.00 2.23
CA GLU A 370 -36.43 20.74 3.62
C GLU A 370 -35.37 21.40 4.56
N LEU A 371 -34.10 21.24 4.23
CA LEU A 371 -33.02 21.84 5.06
C LEU A 371 -32.90 23.36 4.92
N LYS A 372 -33.11 23.88 3.71
CA LYS A 372 -33.14 25.36 3.52
C LYS A 372 -34.13 26.03 4.46
N ALA A 373 -35.37 25.51 4.51
CA ALA A 373 -36.41 26.08 5.38
C ALA A 373 -35.94 26.12 6.83
N LEU A 374 -35.30 25.04 7.26
CA LEU A 374 -34.74 24.95 8.61
C LEU A 374 -33.56 25.91 8.93
N TYR A 375 -32.53 25.92 8.09
CA TYR A 375 -31.25 26.54 8.48
C TYR A 375 -30.68 27.58 7.53
N PHE A 376 -31.06 27.51 6.26
CA PHE A 376 -30.42 28.37 5.26
C PHE A 376 -31.38 29.38 4.58
N GLY B 13 26.82 -32.17 12.35
CA GLY B 13 25.69 -31.96 11.38
C GLY B 13 24.81 -33.19 11.28
N LEU B 14 23.65 -33.05 10.63
CA LEU B 14 22.59 -34.09 10.64
C LEU B 14 22.39 -34.99 9.39
N VAL B 15 22.90 -34.57 8.22
CA VAL B 15 22.67 -35.31 6.96
C VAL B 15 23.83 -36.27 6.69
N PRO B 16 23.52 -37.57 6.49
CA PRO B 16 24.52 -38.55 6.08
C PRO B 16 25.19 -38.22 4.75
N ARG B 17 26.48 -38.54 4.68
CA ARG B 17 27.36 -38.35 3.53
C ARG B 17 26.71 -38.68 2.18
N GLY B 18 26.16 -39.89 2.10
CA GLY B 18 25.55 -40.45 0.91
C GLY B 18 24.18 -39.90 0.60
N SER B 19 23.64 -39.12 1.52
CA SER B 19 22.36 -38.45 1.27
C SER B 19 22.49 -36.99 0.80
N GLU B 20 23.72 -36.47 0.80
CA GLU B 20 23.99 -35.16 0.24
C GLU B 20 23.67 -35.22 -1.23
N ILE B 21 23.22 -34.08 -1.76
CA ILE B 21 22.82 -33.96 -3.15
C ILE B 21 23.98 -34.24 -4.09
N LYS B 22 23.72 -35.08 -5.09
CA LYS B 22 24.71 -35.37 -6.13
C LYS B 22 24.54 -34.35 -7.28
N PHE B 23 25.23 -33.23 -7.16
CA PHE B 23 25.04 -32.11 -8.07
C PHE B 23 25.49 -32.47 -9.47
N LEU B 24 24.81 -31.92 -10.46
CA LEU B 24 25.20 -32.06 -11.88
C LEU B 24 26.53 -31.37 -12.10
N LYS B 25 27.36 -31.96 -12.96
CA LYS B 25 28.60 -31.33 -13.37
C LYS B 25 28.31 -30.46 -14.59
N LYS B 26 28.83 -29.24 -14.55
CA LYS B 26 28.55 -28.15 -15.50
C LYS B 26 28.51 -28.52 -16.99
N GLU B 27 29.50 -29.30 -17.44
CA GLU B 27 29.65 -29.72 -18.85
C GLU B 27 29.48 -31.24 -18.97
N ASP B 28 28.54 -31.80 -18.20
CA ASP B 28 28.26 -33.21 -18.35
C ASP B 28 26.75 -33.51 -18.18
N VAL B 29 25.92 -32.67 -18.80
CA VAL B 29 24.44 -32.74 -18.66
C VAL B 29 23.77 -33.05 -20.02
N GLN B 30 24.60 -33.35 -21.02
CA GLN B 30 24.15 -33.60 -22.41
C GLN B 30 23.49 -34.99 -22.56
N ASN B 31 23.80 -35.84 -21.59
CA ASN B 31 23.18 -37.16 -21.40
C ASN B 31 21.75 -37.09 -20.86
N ILE B 32 21.37 -35.96 -20.28
CA ILE B 32 20.07 -35.85 -19.59
C ILE B 32 18.95 -35.54 -20.58
N ASP B 33 17.94 -36.40 -20.61
CA ASP B 33 16.82 -36.14 -21.48
C ASP B 33 15.60 -35.72 -20.68
N LEU B 34 15.46 -34.40 -20.54
CA LEU B 34 14.38 -33.81 -19.75
C LEU B 34 13.05 -34.13 -20.36
N ASN B 35 13.04 -34.20 -21.68
CA ASN B 35 11.78 -34.33 -22.40
C ASN B 35 11.10 -35.71 -22.13
N GLY B 36 11.90 -36.73 -21.83
CA GLY B 36 11.35 -38.04 -21.50
C GLY B 36 11.06 -38.25 -20.02
N MET B 37 11.04 -37.15 -19.26
CA MET B 37 10.84 -37.22 -17.81
C MET B 37 9.43 -36.86 -17.36
N SER B 38 8.98 -37.49 -16.29
CA SER B 38 7.83 -36.96 -15.60
C SER B 38 8.16 -35.59 -14.96
N LYS B 39 7.12 -34.88 -14.55
CA LYS B 39 7.26 -33.66 -13.80
C LYS B 39 8.11 -33.93 -12.53
N LYS B 40 7.78 -35.00 -11.81
CA LYS B 40 8.48 -35.35 -10.57
C LYS B 40 9.96 -35.64 -10.82
N GLU B 41 10.23 -36.31 -11.95
CA GLU B 41 11.59 -36.66 -12.32
C GLU B 41 12.38 -35.42 -12.70
N ARG B 42 11.73 -34.52 -13.40
CA ARG B 42 12.38 -33.27 -13.80
C ARG B 42 12.73 -32.40 -12.58
N TYR B 43 11.87 -32.42 -11.57
CA TYR B 43 12.10 -31.62 -10.35
C TYR B 43 13.42 -32.03 -9.69
N GLU B 44 13.74 -33.33 -9.74
CA GLU B 44 14.97 -33.84 -9.17
C GLU B 44 16.18 -33.40 -9.96
N ILE B 45 15.99 -33.14 -11.26
CA ILE B 45 17.04 -32.56 -12.05
C ILE B 45 17.26 -31.08 -11.65
N TRP B 46 16.19 -30.33 -11.50
CA TRP B 46 16.37 -28.94 -11.13
C TRP B 46 17.07 -28.88 -9.75
N ARG B 47 16.69 -29.80 -8.85
CA ARG B 47 17.29 -29.86 -7.51
C ARG B 47 18.81 -30.05 -7.54
N ARG B 48 19.31 -30.73 -8.59
CA ARG B 48 20.69 -31.14 -8.73
C ARG B 48 21.60 -30.14 -9.45
N ILE B 49 21.01 -29.04 -9.94
CA ILE B 49 21.78 -27.85 -10.29
C ILE B 49 22.32 -27.20 -8.98
N PRO B 50 23.66 -27.04 -8.86
CA PRO B 50 24.28 -26.38 -7.68
C PRO B 50 23.99 -24.88 -7.73
N LYS B 51 22.81 -24.47 -7.23
CA LYS B 51 22.29 -23.13 -7.54
C LYS B 51 22.84 -21.99 -6.73
N VAL B 52 23.11 -20.89 -7.45
CA VAL B 52 23.48 -19.59 -6.88
C VAL B 52 22.27 -18.65 -7.02
N GLU B 53 21.54 -18.43 -5.92
CA GLU B 53 20.33 -17.59 -5.95
C GLU B 53 20.58 -16.19 -5.43
N LEU B 54 20.25 -15.19 -6.26
CA LEU B 54 20.68 -13.82 -6.01
C LEU B 54 19.60 -12.86 -5.44
N HIS B 55 18.34 -13.23 -5.61
CA HIS B 55 17.25 -12.33 -5.38
C HIS B 55 16.13 -13.07 -4.70
N CYS B 56 16.11 -13.01 -3.36
CA CYS B 56 15.07 -13.58 -2.54
C CYS B 56 14.95 -12.81 -1.22
N HIS B 57 13.72 -12.42 -0.89
CA HIS B 57 13.44 -11.56 0.26
C HIS B 57 13.19 -12.52 1.41
N LEU B 58 14.20 -12.65 2.24
CA LEU B 58 14.15 -13.57 3.37
C LEU B 58 12.92 -13.29 4.25
N ASP B 59 12.56 -12.02 4.38
CA ASP B 59 11.49 -11.64 5.28
C ASP B 59 10.14 -12.05 4.69
N LEU B 60 10.15 -12.53 3.43
CA LEU B 60 8.94 -13.14 2.86
C LEU B 60 9.18 -14.56 2.31
N THR B 61 10.07 -15.30 2.96
CA THR B 61 10.46 -16.61 2.51
C THR B 61 10.01 -17.62 3.52
N PHE B 62 9.01 -18.42 3.14
CA PHE B 62 8.54 -19.52 3.99
C PHE B 62 7.78 -20.57 3.22
N SER B 63 7.63 -21.75 3.82
CA SER B 63 6.79 -22.78 3.28
C SER B 63 5.37 -22.63 3.87
N ALA B 64 4.40 -23.33 3.28
CA ALA B 64 3.04 -23.35 3.79
C ALA B 64 3.01 -23.91 5.21
N GLU B 65 3.73 -25.01 5.48
CA GLU B 65 3.71 -25.60 6.81
C GLU B 65 4.32 -24.68 7.87
N PHE B 66 5.36 -23.92 7.50
CA PHE B 66 5.96 -22.91 8.41
C PHE B 66 4.93 -21.83 8.81
N PHE B 67 4.29 -21.23 7.78
CA PHE B 67 3.26 -20.22 7.99
C PHE B 67 2.10 -20.70 8.86
N LEU B 68 1.59 -21.88 8.57
CA LEU B 68 0.51 -22.46 9.36
C LEU B 68 0.93 -22.67 10.80
N LYS B 69 2.14 -23.19 11.03
CA LYS B 69 2.64 -23.36 12.41
C LYS B 69 2.51 -22.08 13.24
N TRP B 70 3.01 -20.98 12.70
CA TRP B 70 2.99 -19.73 13.41
C TRP B 70 1.61 -19.07 13.42
N ALA B 71 0.87 -19.20 12.31
CA ALA B 71 -0.54 -18.77 12.30
C ALA B 71 -1.35 -19.35 13.46
N ARG B 72 -1.24 -20.67 13.69
CA ARG B 72 -1.88 -21.32 14.83
C ARG B 72 -1.20 -20.99 16.16
N LYS B 73 0.14 -20.95 16.18
CA LYS B 73 0.80 -20.52 17.42
C LYS B 73 0.27 -19.12 17.89
N TYR B 74 0.05 -18.21 16.96
CA TYR B 74 -0.36 -16.83 17.31
C TYR B 74 -1.91 -16.65 17.37
N ASN B 75 -2.65 -17.75 17.15
CA ASN B 75 -4.13 -17.80 17.14
C ASN B 75 -4.71 -16.73 16.19
N LEU B 76 -4.16 -16.64 14.98
CA LEU B 76 -4.57 -15.58 14.03
C LEU B 76 -6.00 -15.77 13.51
N GLN B 77 -6.37 -17.01 13.21
CA GLN B 77 -7.62 -17.22 12.48
C GLN B 77 -8.22 -18.55 12.97
N PRO B 78 -8.57 -18.61 14.25
CA PRO B 78 -8.99 -19.92 14.79
C PRO B 78 -10.19 -20.54 14.05
N ASN B 79 -11.04 -19.74 13.41
CA ASN B 79 -12.20 -20.31 12.75
C ASN B 79 -11.94 -20.65 11.25
N MET B 80 -10.71 -20.44 10.78
CA MET B 80 -10.36 -20.78 9.41
C MET B 80 -9.69 -22.14 9.34
N SER B 81 -9.95 -22.87 8.26
CA SER B 81 -9.17 -24.06 7.92
C SER B 81 -7.74 -23.65 7.49
N ASP B 82 -6.86 -24.63 7.32
CA ASP B 82 -5.54 -24.32 6.83
C ASP B 82 -5.58 -23.62 5.46
N ASP B 83 -6.42 -24.12 4.54
CA ASP B 83 -6.40 -23.61 3.16
C ASP B 83 -6.94 -22.18 3.17
N GLU B 84 -7.93 -21.93 4.05
CA GLU B 84 -8.48 -20.58 4.14
C GLU B 84 -7.41 -19.61 4.67
N ILE B 85 -6.57 -20.06 5.62
CA ILE B 85 -5.53 -19.19 6.16
C ILE B 85 -4.54 -18.84 5.02
N LEU B 86 -4.18 -19.84 4.24
CA LEU B 86 -3.24 -19.61 3.13
C LEU B 86 -3.86 -18.66 2.08
N ASP B 87 -5.15 -18.87 1.76
CA ASP B 87 -5.84 -17.95 0.80
C ASP B 87 -5.88 -16.50 1.33
N HIS B 88 -6.14 -16.37 2.62
CA HIS B 88 -6.23 -15.06 3.26
C HIS B 88 -4.96 -14.20 3.20
N TYR B 89 -3.83 -14.81 3.50
CA TYR B 89 -2.58 -14.11 3.70
C TYR B 89 -1.70 -14.05 2.47
N LEU B 90 -1.80 -15.03 1.60
CA LEU B 90 -0.75 -15.27 0.61
C LEU B 90 -1.24 -15.11 -0.81
N PHE B 91 -0.32 -15.07 -1.75
CA PHE B 91 -0.56 -14.49 -3.06
C PHE B 91 -0.14 -15.45 -4.11
N THR B 92 -0.84 -16.56 -4.15
CA THR B 92 -0.41 -17.70 -4.91
C THR B 92 -1.22 -17.84 -6.23
N LYS B 93 -2.26 -17.00 -6.39
CA LYS B 93 -3.24 -17.17 -7.48
C LYS B 93 -3.00 -16.19 -8.62
N GLU B 94 -3.16 -16.66 -9.87
CA GLU B 94 -2.97 -15.78 -11.04
C GLU B 94 -4.16 -14.83 -11.20
N GLY B 95 -3.91 -13.67 -11.82
CA GLY B 95 -4.96 -12.69 -12.10
C GLY B 95 -5.38 -11.81 -10.92
N LYS B 96 -4.43 -11.57 -10.01
CA LYS B 96 -4.61 -10.56 -8.94
C LYS B 96 -3.67 -9.36 -9.20
N SER B 97 -3.93 -8.24 -8.52
CA SER B 97 -3.16 -7.00 -8.66
C SER B 97 -1.84 -6.90 -7.86
N LEU B 98 -0.93 -6.00 -8.31
CA LEU B 98 0.18 -5.55 -7.44
C LEU B 98 -0.36 -4.89 -6.13
N ALA B 99 -1.54 -4.30 -6.21
CA ALA B 99 -2.16 -3.65 -5.04
C ALA B 99 -2.50 -4.68 -3.97
N GLU B 100 -3.11 -5.79 -4.38
CA GLU B 100 -3.39 -6.90 -3.48
C GLU B 100 -2.10 -7.54 -2.92
N PHE B 101 -1.04 -7.62 -3.73
CA PHE B 101 0.23 -8.09 -3.22
C PHE B 101 0.78 -7.21 -2.05
N ILE B 102 0.76 -5.89 -2.27
CA ILE B 102 1.21 -4.92 -1.29
C ILE B 102 0.44 -5.13 0.00
N ARG B 103 -0.87 -5.26 -0.15
CA ARG B 103 -1.74 -5.40 0.97
C ARG B 103 -1.49 -6.73 1.74
N LYS B 104 -1.31 -7.81 0.99
CA LYS B 104 -0.98 -9.11 1.59
C LYS B 104 0.37 -9.11 2.29
N ALA B 105 1.38 -8.49 1.70
CA ALA B 105 2.70 -8.36 2.35
C ALA B 105 2.54 -7.64 3.67
N ILE B 106 1.70 -6.60 3.70
CA ILE B 106 1.38 -5.91 4.96
C ILE B 106 0.68 -6.84 5.95
N SER B 107 -0.32 -7.62 5.48
CA SER B 107 -0.97 -8.57 6.39
C SER B 107 0.03 -9.60 6.92
N VAL B 108 0.93 -10.07 6.06
CA VAL B 108 1.94 -11.04 6.55
C VAL B 108 2.93 -10.41 7.58
N SER B 109 3.22 -9.12 7.46
CA SER B 109 4.03 -8.36 8.42
C SER B 109 3.42 -8.37 9.81
N ASP B 110 2.11 -8.69 9.92
CA ASP B 110 1.49 -8.83 11.25
C ASP B 110 2.09 -9.98 12.09
N LEU B 111 2.84 -10.90 11.47
CA LEU B 111 3.46 -12.02 12.17
C LEU B 111 4.80 -11.64 12.82
N TYR B 112 5.31 -10.47 12.53
CA TYR B 112 6.56 -10.05 13.15
C TYR B 112 6.37 -9.49 14.58
N ARG B 113 6.00 -10.39 15.47
CA ARG B 113 5.54 -10.02 16.81
C ARG B 113 6.63 -10.18 17.84
N ASP B 114 7.65 -10.97 17.51
CA ASP B 114 8.74 -11.25 18.46
C ASP B 114 9.96 -11.80 17.69
N TYR B 115 11.06 -12.00 18.41
CA TYR B 115 12.30 -12.47 17.80
C TYR B 115 12.34 -13.97 17.61
N ASP B 116 11.51 -14.72 18.32
CA ASP B 116 11.47 -16.17 18.12
C ASP B 116 10.94 -16.47 16.72
N PHE B 117 9.93 -15.73 16.29
CA PHE B 117 9.37 -15.90 14.95
C PHE B 117 10.46 -15.69 13.88
N ILE B 118 11.21 -14.59 14.03
CA ILE B 118 12.26 -14.22 13.06
C ILE B 118 13.37 -15.28 13.02
N GLU B 119 13.88 -15.68 14.19
CA GLU B 119 14.84 -16.83 14.25
C GLU B 119 14.37 -18.08 13.51
N ASP B 120 13.13 -18.44 13.76
CA ASP B 120 12.58 -19.72 13.25
C ASP B 120 12.38 -19.54 11.74
N LEU B 121 11.92 -18.36 11.32
CA LEU B 121 11.75 -18.05 9.90
C LEU B 121 13.08 -18.23 9.15
N ALA B 122 14.15 -17.64 9.69
CA ALA B 122 15.43 -17.61 8.99
C ALA B 122 16.01 -19.03 8.97
N LYS B 123 15.92 -19.75 10.10
CA LYS B 123 16.35 -21.18 10.14
C LYS B 123 15.70 -22.03 9.02
N TRP B 124 14.35 -22.01 8.96
CA TRP B 124 13.63 -22.88 8.03
C TRP B 124 13.84 -22.43 6.58
N ALA B 125 14.03 -21.13 6.36
CA ALA B 125 14.25 -20.59 5.01
C ALA B 125 15.57 -21.15 4.47
N VAL B 126 16.61 -21.18 5.30
CA VAL B 126 17.89 -21.78 4.93
C VAL B 126 17.77 -23.29 4.68
N ILE B 127 17.12 -24.00 5.60
CA ILE B 127 16.93 -25.46 5.44
C ILE B 127 16.21 -25.79 4.10
N GLU B 128 15.13 -25.11 3.79
CA GLU B 128 14.40 -25.31 2.51
C GLU B 128 15.21 -24.97 1.24
N LYS B 129 15.97 -23.87 1.26
CA LYS B 129 16.92 -23.57 0.16
C LYS B 129 17.94 -24.69 -0.01
N TYR B 130 18.49 -25.14 1.11
CA TYR B 130 19.40 -26.26 1.05
C TYR B 130 18.74 -27.52 0.43
N LYS B 131 17.52 -27.88 0.84
CA LYS B 131 16.83 -29.04 0.27
C LYS B 131 16.53 -28.88 -1.24
N GLU B 132 16.32 -27.63 -1.65
CA GLU B 132 16.23 -27.23 -3.07
C GLU B 132 17.51 -27.39 -3.92
N GLY B 133 18.64 -27.64 -3.25
CA GLY B 133 19.97 -27.71 -3.91
C GLY B 133 20.50 -26.31 -4.21
N VAL B 134 20.21 -25.33 -3.35
CA VAL B 134 20.87 -24.00 -3.44
C VAL B 134 22.18 -24.12 -2.70
N VAL B 135 23.27 -23.73 -3.36
CA VAL B 135 24.60 -23.86 -2.71
C VAL B 135 25.14 -22.52 -2.20
N LEU B 136 24.68 -21.45 -2.82
CA LEU B 136 25.06 -20.09 -2.53
C LEU B 136 23.78 -19.24 -2.57
N MET B 137 23.40 -18.75 -1.40
CA MET B 137 22.12 -18.11 -1.24
C MET B 137 22.34 -16.67 -0.75
N GLU B 138 21.99 -15.69 -1.59
CA GLU B 138 21.98 -14.27 -1.12
C GLU B 138 20.55 -13.93 -0.72
N PHE B 139 20.30 -13.81 0.59
CA PHE B 139 19.00 -13.39 1.12
C PHE B 139 19.06 -11.87 1.36
N ARG B 140 17.99 -11.19 1.06
CA ARG B 140 17.86 -9.77 1.33
C ARG B 140 16.64 -9.56 2.25
N TYR B 141 16.73 -8.62 3.19
CA TYR B 141 15.54 -8.31 4.01
C TYR B 141 15.56 -6.81 4.26
N SER B 142 14.41 -6.30 4.64
CA SER B 142 14.21 -4.87 4.98
C SER B 142 14.03 -4.72 6.51
N PRO B 143 15.01 -4.13 7.20
CA PRO B 143 14.81 -3.94 8.65
C PRO B 143 13.53 -3.09 8.93
N THR B 144 13.26 -2.14 8.06
CA THR B 144 12.08 -1.24 8.21
C THR B 144 10.76 -2.01 8.06
N PHE B 145 10.65 -2.82 7.01
CA PHE B 145 9.52 -3.71 6.84
C PHE B 145 9.27 -4.65 8.03
N VAL B 146 10.32 -5.28 8.54
CA VAL B 146 10.14 -6.24 9.63
C VAL B 146 9.74 -5.50 10.92
N SER B 147 10.32 -4.32 11.19
CA SER B 147 9.94 -3.56 12.43
C SER B 147 8.61 -2.76 12.32
N SER B 148 8.12 -2.57 11.09
CA SER B 148 6.97 -1.71 10.83
C SER B 148 5.70 -2.05 11.66
N SER B 149 5.30 -3.32 11.77
CA SER B 149 4.01 -3.57 12.40
C SER B 149 4.03 -3.47 13.93
N TYR B 150 5.01 -4.11 14.58
CA TYR B 150 5.08 -4.05 16.04
C TYR B 150 6.19 -3.19 16.63
N GLY B 151 6.93 -2.47 15.77
CA GLY B 151 8.06 -1.68 16.26
C GLY B 151 9.17 -2.45 16.94
N LEU B 152 9.45 -3.65 16.46
CA LEU B 152 10.59 -4.43 16.94
C LEU B 152 11.90 -3.67 16.72
N ASP B 153 12.90 -3.93 17.55
CA ASP B 153 14.16 -3.17 17.59
C ASP B 153 14.94 -3.67 16.38
N VAL B 154 15.33 -2.81 15.44
CA VAL B 154 16.10 -3.28 14.28
C VAL B 154 17.43 -3.97 14.62
N GLU B 155 18.09 -3.61 15.74
CA GLU B 155 19.31 -4.31 16.10
C GLU B 155 19.01 -5.74 16.43
N LEU B 156 17.91 -5.94 17.16
CA LEU B 156 17.48 -7.27 17.60
C LEU B 156 16.87 -8.07 16.45
N ILE B 157 16.18 -7.41 15.52
CA ILE B 157 15.81 -8.04 14.25
C ILE B 157 17.05 -8.63 13.51
N HIS B 158 18.04 -7.79 13.28
CA HIS B 158 19.28 -8.23 12.64
C HIS B 158 19.91 -9.41 13.41
N LYS B 159 20.02 -9.30 14.73
CA LYS B 159 20.57 -10.42 15.50
C LYS B 159 19.75 -11.72 15.30
N ALA B 160 18.43 -11.62 15.26
CA ALA B 160 17.54 -12.77 15.13
C ALA B 160 17.72 -13.43 13.74
N PHE B 161 17.80 -12.61 12.69
CA PHE B 161 18.03 -13.18 11.33
C PHE B 161 19.39 -13.88 11.23
N ILE B 162 20.46 -13.23 11.71
CA ILE B 162 21.83 -13.81 11.74
C ILE B 162 21.85 -15.12 12.50
N LYS B 163 21.23 -15.12 13.69
CA LYS B 163 21.24 -16.30 14.56
C LYS B 163 20.45 -17.48 13.95
N GLY B 164 19.25 -17.22 13.43
CA GLY B 164 18.51 -18.31 12.77
C GLY B 164 19.22 -18.88 11.55
N ILE B 165 19.84 -18.03 10.74
CA ILE B 165 20.68 -18.54 9.60
C ILE B 165 21.81 -19.47 10.14
N LYS B 166 22.50 -19.00 11.16
CA LYS B 166 23.60 -19.74 11.81
C LYS B 166 23.06 -21.06 12.44
N ASN B 167 21.86 -21.00 13.02
CA ASN B 167 21.16 -22.21 13.51
C ASN B 167 21.07 -23.26 12.38
N ALA B 168 20.73 -22.81 11.17
CA ALA B 168 20.60 -23.73 10.05
C ALA B 168 22.01 -24.12 9.44
N THR B 169 22.87 -23.15 9.17
CA THR B 169 24.17 -23.49 8.56
C THR B 169 25.00 -24.43 9.42
N GLU B 170 24.92 -24.30 10.76
CA GLU B 170 25.59 -25.23 11.69
C GLU B 170 25.07 -26.66 11.65
N LEU B 171 23.83 -26.86 11.19
CA LEU B 171 23.26 -28.22 11.00
C LEU B 171 23.66 -28.87 9.69
N LEU B 172 24.11 -28.06 8.74
CA LEU B 172 24.14 -28.44 7.34
C LEU B 172 25.54 -28.65 6.83
N ASN B 173 26.52 -28.64 7.73
CA ASN B 173 27.85 -29.11 7.40
C ASN B 173 28.53 -28.35 6.24
N ASN B 174 28.38 -27.02 6.17
CA ASN B 174 29.05 -26.22 5.11
C ASN B 174 28.52 -26.47 3.66
N LYS B 175 27.35 -27.12 3.56
CA LYS B 175 26.78 -27.50 2.25
C LYS B 175 26.07 -26.32 1.58
N ILE B 176 25.69 -25.32 2.37
CA ILE B 176 25.10 -24.06 1.85
C ILE B 176 25.78 -22.85 2.47
N HIS B 177 26.16 -21.91 1.61
CA HIS B 177 26.71 -20.65 2.01
C HIS B 177 25.63 -19.61 1.85
N VAL B 178 25.45 -18.81 2.90
CA VAL B 178 24.42 -17.77 2.93
C VAL B 178 25.08 -16.40 3.14
N ALA B 179 24.55 -15.36 2.49
CA ALA B 179 24.98 -13.99 2.67
C ALA B 179 23.76 -13.14 2.71
N LEU B 180 23.93 -11.91 3.23
CA LEU B 180 22.83 -10.97 3.44
C LEU B 180 22.99 -9.71 2.63
N ILE B 181 21.87 -9.23 2.10
CA ILE B 181 21.76 -7.90 1.52
C ILE B 181 20.75 -7.06 2.30
N CYS B 182 21.13 -5.80 2.57
CA CYS B 182 20.22 -4.84 3.22
C CYS B 182 19.34 -4.07 2.23
N ILE B 183 18.02 -4.21 2.39
CA ILE B 183 17.08 -3.41 1.61
C ILE B 183 16.68 -2.15 2.41
N SER B 184 16.79 -0.99 1.75
CA SER B 184 16.63 0.32 2.37
C SER B 184 15.24 0.83 2.81
N ASP B 185 15.33 1.79 3.74
CA ASP B 185 14.26 2.62 4.32
C ASP B 185 13.45 3.39 3.25
N LYS B 194 18.32 5.80 3.96
CA LYS B 194 19.39 6.59 4.63
C LYS B 194 19.68 6.20 6.08
N HIS B 195 18.66 6.14 6.93
CA HIS B 195 18.72 5.35 8.16
C HIS B 195 19.10 3.90 7.82
N SER B 196 18.46 3.35 6.81
CA SER B 196 18.80 2.00 6.38
C SER B 196 20.17 1.90 5.68
N GLY B 197 20.59 2.97 4.97
CA GLY B 197 22.00 3.14 4.50
C GLY B 197 22.99 3.17 5.68
N ASP B 198 22.65 3.99 6.68
CA ASP B 198 23.41 4.01 7.95
C ASP B 198 23.44 2.63 8.64
N PHE B 199 22.30 1.97 8.69
CA PHE B 199 22.17 0.60 9.28
C PHE B 199 23.08 -0.43 8.53
N ALA B 200 22.93 -0.48 7.20
CA ALA B 200 23.78 -1.30 6.32
C ALA B 200 25.25 -1.08 6.58
N ILE B 201 25.63 0.20 6.64
CA ILE B 201 27.02 0.59 6.94
C ILE B 201 27.47 0.10 8.35
N LYS B 202 26.64 0.37 9.37
CA LYS B 202 26.94 -0.12 10.72
C LYS B 202 27.18 -1.64 10.76
N HIS B 203 26.45 -2.37 9.91
CA HIS B 203 26.51 -3.83 9.86
C HIS B 203 27.18 -4.32 8.57
N LYS B 204 28.12 -3.51 8.08
CA LYS B 204 28.90 -3.85 6.89
C LYS B 204 29.59 -5.20 6.99
N HIS B 205 29.93 -5.64 8.20
CA HIS B 205 30.44 -7.00 8.32
C HIS B 205 29.48 -8.14 8.04
N ASP B 206 28.18 -7.88 8.10
CA ASP B 206 27.17 -8.93 7.92
C ASP B 206 26.50 -8.81 6.55
N PHE B 207 26.54 -7.63 5.95
CA PHE B 207 25.91 -7.40 4.66
C PHE B 207 26.94 -7.30 3.54
N VAL B 208 26.66 -8.00 2.44
CA VAL B 208 27.54 -7.96 1.26
C VAL B 208 26.98 -6.99 0.23
N GLY B 209 25.74 -6.57 0.41
CA GLY B 209 25.16 -5.70 -0.60
C GLY B 209 24.06 -4.88 -0.04
N PHE B 210 23.61 -3.93 -0.85
CA PHE B 210 22.57 -2.96 -0.53
C PHE B 210 21.60 -2.89 -1.70
N ASP B 211 20.34 -2.68 -1.36
CA ASP B 211 19.24 -2.79 -2.31
C ASP B 211 18.20 -1.77 -1.95
N HIS B 212 17.31 -1.53 -2.90
CA HIS B 212 16.20 -0.69 -2.69
C HIS B 212 14.97 -1.36 -3.33
N GLY B 213 13.91 -1.52 -2.58
CA GLY B 213 12.71 -2.12 -3.17
C GLY B 213 11.50 -1.19 -3.09
N GLY B 214 10.33 -1.77 -3.17
CA GLY B 214 9.14 -0.95 -3.01
C GLY B 214 8.97 -0.04 -4.22
N ARG B 215 8.79 1.27 -3.98
CA ARG B 215 8.25 2.11 -5.01
C ARG B 215 9.26 2.42 -6.08
N GLU B 216 8.97 1.83 -7.24
CA GLU B 216 9.73 2.14 -8.39
C GLU B 216 9.17 3.46 -8.89
N ILE B 217 9.90 4.49 -8.48
CA ILE B 217 9.88 5.77 -9.07
C ILE B 217 11.33 6.10 -8.86
N ASP B 218 11.52 7.36 -8.50
CA ASP B 218 12.78 8.01 -8.63
C ASP B 218 13.78 7.67 -7.54
N LEU B 219 14.76 6.89 -7.95
CA LEU B 219 15.89 6.57 -7.12
C LEU B 219 17.02 7.52 -7.45
N LYS B 220 16.75 8.46 -8.37
CA LYS B 220 17.65 9.62 -8.59
C LYS B 220 18.10 10.29 -7.28
N ASP B 221 17.20 10.36 -6.30
CA ASP B 221 17.51 10.96 -5.00
C ASP B 221 18.24 10.02 -4.04
N HIS B 222 18.40 8.76 -4.45
CA HIS B 222 19.13 7.80 -3.62
C HIS B 222 20.59 7.73 -4.07
N LYS B 223 20.92 8.57 -5.04
CA LYS B 223 22.21 8.69 -5.66
C LYS B 223 23.33 8.75 -4.59
N ASP B 224 23.16 9.61 -3.59
CA ASP B 224 24.22 9.84 -2.60
C ASP B 224 24.39 8.71 -1.56
N VAL B 225 23.27 8.19 -1.05
CA VAL B 225 23.32 7.04 -0.16
C VAL B 225 23.89 5.79 -0.83
N TYR B 226 23.50 5.53 -2.08
CA TYR B 226 24.11 4.45 -2.87
C TYR B 226 25.63 4.62 -2.98
N HIS B 227 26.10 5.86 -3.14
CA HIS B 227 27.55 6.10 -3.26
C HIS B 227 28.28 5.91 -1.94
N SER B 228 27.60 6.33 -0.88
CA SER B 228 28.09 6.20 0.48
C SER B 228 28.25 4.74 0.90
N VAL B 229 27.18 3.97 0.72
CA VAL B 229 27.21 2.55 0.99
C VAL B 229 28.29 1.81 0.14
N ARG B 230 28.38 2.16 -1.14
CA ARG B 230 29.49 1.64 -2.01
C ARG B 230 30.88 1.91 -1.42
N ASP B 231 31.10 3.12 -0.92
CA ASP B 231 32.35 3.52 -0.25
C ASP B 231 32.74 2.60 0.91
N HIS B 232 31.73 2.06 1.62
CA HIS B 232 31.96 1.06 2.67
C HIS B 232 32.09 -0.37 2.21
N GLY B 233 32.22 -0.56 0.91
CA GLY B 233 32.49 -1.90 0.41
C GLY B 233 31.28 -2.80 0.23
N LEU B 234 30.05 -2.33 0.45
CA LEU B 234 28.84 -3.12 0.08
C LEU B 234 28.60 -3.03 -1.44
N HIS B 235 28.25 -4.16 -2.07
CA HIS B 235 27.93 -4.19 -3.51
C HIS B 235 26.51 -3.63 -3.71
N LEU B 236 26.24 -3.17 -4.91
CA LEU B 236 25.02 -2.45 -5.23
C LEU B 236 24.14 -3.17 -6.22
N THR B 237 22.91 -3.41 -5.79
CA THR B 237 21.82 -3.89 -6.65
C THR B 237 20.63 -2.96 -6.41
N VAL B 238 19.65 -2.97 -7.30
CA VAL B 238 18.44 -2.18 -7.11
C VAL B 238 17.30 -2.83 -7.91
N HIS B 239 16.09 -2.83 -7.34
CA HIS B 239 14.88 -3.12 -8.11
C HIS B 239 14.64 -1.99 -9.14
N ALA B 240 14.62 -2.35 -10.43
CA ALA B 240 14.29 -1.38 -11.51
C ALA B 240 13.91 -2.16 -12.75
N GLY B 241 12.93 -1.64 -13.49
CA GLY B 241 12.57 -2.23 -14.76
C GLY B 241 11.72 -3.44 -14.48
N GLU B 242 11.04 -3.40 -13.33
CA GLU B 242 10.13 -4.46 -12.93
C GLU B 242 8.70 -4.05 -13.25
N ASP B 243 8.39 -2.78 -12.98
CA ASP B 243 7.02 -2.29 -12.93
C ASP B 243 6.48 -1.94 -14.33
N ALA B 244 5.52 -2.75 -14.77
CA ALA B 244 4.97 -2.65 -16.12
C ALA B 244 4.15 -1.35 -16.34
N THR B 245 3.59 -0.79 -15.26
CA THR B 245 2.75 0.42 -15.33
C THR B 245 3.52 1.73 -15.53
N LEU B 246 4.84 1.69 -15.36
CA LEU B 246 5.68 2.88 -15.54
C LEU B 246 5.67 3.36 -17.01
N PRO B 247 5.57 4.69 -17.22
CA PRO B 247 5.35 5.33 -18.53
C PRO B 247 6.58 5.38 -19.43
N ASN B 248 7.76 5.19 -18.83
CA ASN B 248 9.04 5.17 -19.55
C ASN B 248 10.02 4.28 -18.80
N LEU B 249 11.28 4.28 -19.22
CA LEU B 249 12.32 3.41 -18.67
C LEU B 249 13.42 4.18 -17.94
N ASN B 250 13.10 5.37 -17.46
CA ASN B 250 14.09 6.23 -16.82
C ASN B 250 14.72 5.63 -15.55
N THR B 251 13.93 4.83 -14.81
CA THR B 251 14.41 4.15 -13.60
C THR B 251 15.55 3.19 -13.92
N LEU B 252 15.49 2.57 -15.10
CA LEU B 252 16.60 1.73 -15.56
C LEU B 252 17.84 2.55 -15.90
N TYR B 253 17.66 3.67 -16.61
CA TYR B 253 18.82 4.55 -16.92
C TYR B 253 19.46 5.11 -15.65
N THR B 254 18.61 5.50 -14.70
CA THR B 254 19.07 5.91 -13.38
C THR B 254 19.86 4.85 -12.64
N ALA B 255 19.31 3.64 -12.54
CA ALA B 255 20.00 2.54 -11.85
C ALA B 255 21.40 2.32 -12.46
N ILE B 256 21.45 2.38 -13.80
CA ILE B 256 22.68 2.03 -14.54
C ILE B 256 23.75 3.12 -14.49
N ASN B 257 23.35 4.34 -14.86
CA ASN B 257 24.26 5.50 -15.01
C ASN B 257 24.47 6.35 -13.75
N ILE B 258 23.44 6.45 -12.93
CA ILE B 258 23.46 7.31 -11.78
C ILE B 258 23.79 6.55 -10.49
N LEU B 259 23.10 5.44 -10.23
CA LEU B 259 23.43 4.54 -9.11
C LEU B 259 24.66 3.67 -9.38
N ASN B 260 24.92 3.42 -10.67
CA ASN B 260 25.99 2.54 -11.10
C ASN B 260 26.00 1.21 -10.34
N VAL B 261 24.83 0.59 -10.28
CA VAL B 261 24.69 -0.78 -9.73
C VAL B 261 25.40 -1.88 -10.54
N GLU B 262 25.76 -2.95 -9.82
CA GLU B 262 26.42 -4.12 -10.38
C GLU B 262 25.41 -5.10 -10.96
N ARG B 263 24.22 -5.08 -10.39
CA ARG B 263 23.13 -5.87 -10.90
C ARG B 263 21.85 -5.15 -10.65
N ILE B 264 20.82 -5.62 -11.33
CA ILE B 264 19.49 -5.03 -11.28
C ILE B 264 18.47 -6.13 -10.94
N GLY B 265 17.67 -5.86 -9.91
CA GLY B 265 16.56 -6.76 -9.55
C GLY B 265 15.47 -6.67 -10.59
N HIS B 266 15.09 -7.81 -11.18
CA HIS B 266 14.11 -7.89 -12.28
C HIS B 266 14.76 -7.40 -13.58
N GLY B 267 14.71 -6.09 -13.82
CA GLY B 267 15.35 -5.47 -15.01
C GLY B 267 14.69 -5.91 -16.33
N ILE B 268 13.54 -6.59 -16.24
CA ILE B 268 12.99 -7.27 -17.43
C ILE B 268 12.59 -6.29 -18.57
N ARG B 269 12.30 -5.05 -18.19
CA ARG B 269 11.90 -4.02 -19.16
C ARG B 269 13.11 -3.57 -19.98
N VAL B 270 14.31 -3.97 -19.55
CA VAL B 270 15.48 -3.82 -20.40
C VAL B 270 15.17 -4.35 -21.83
N SER B 271 14.33 -5.40 -21.92
CA SER B 271 14.00 -6.02 -23.22
C SER B 271 13.31 -5.06 -24.23
N GLU B 272 12.70 -3.98 -23.76
CA GLU B 272 11.87 -3.07 -24.59
C GLU B 272 12.71 -1.96 -25.23
N SER B 273 14.01 -1.97 -24.97
CA SER B 273 14.94 -0.98 -25.51
C SER B 273 16.24 -1.65 -25.98
N ASP B 274 16.53 -1.57 -27.29
CA ASP B 274 17.84 -2.04 -27.78
C ASP B 274 18.99 -1.23 -27.21
N GLU B 275 18.77 0.06 -26.98
CA GLU B 275 19.77 0.91 -26.30
C GLU B 275 20.08 0.37 -24.88
N LEU B 276 19.05 0.10 -24.10
CA LEU B 276 19.27 -0.50 -22.76
C LEU B 276 19.94 -1.88 -22.81
N ILE B 277 19.48 -2.74 -23.71
CA ILE B 277 20.13 -4.04 -23.93
C ILE B 277 21.66 -3.89 -24.12
N GLU B 278 22.09 -2.86 -24.87
CA GLU B 278 23.51 -2.76 -25.19
C GLU B 278 24.26 -2.05 -24.08
N LEU B 279 23.57 -1.18 -23.33
CA LEU B 279 24.23 -0.53 -22.20
C LEU B 279 24.47 -1.56 -21.06
N VAL B 280 23.44 -2.33 -20.73
CA VAL B 280 23.54 -3.38 -19.71
C VAL B 280 24.74 -4.30 -20.05
N LYS B 281 24.82 -4.69 -21.31
CA LYS B 281 25.88 -5.57 -21.78
C LYS B 281 27.24 -4.97 -21.72
N LYS B 282 27.35 -3.75 -22.23
CA LYS B 282 28.60 -2.96 -22.19
C LYS B 282 29.07 -2.80 -20.72
N LYS B 283 28.14 -2.48 -19.83
CA LYS B 283 28.40 -2.40 -18.37
C LYS B 283 28.66 -3.75 -17.68
N ASP B 284 28.35 -4.86 -18.37
CA ASP B 284 28.41 -6.24 -17.86
C ASP B 284 27.57 -6.34 -16.56
N ILE B 285 26.37 -5.78 -16.61
CA ILE B 285 25.42 -5.83 -15.51
C ILE B 285 24.54 -7.04 -15.71
N LEU B 286 24.17 -7.69 -14.60
CA LEU B 286 23.31 -8.88 -14.60
C LEU B 286 21.94 -8.58 -14.10
N LEU B 287 20.96 -9.22 -14.71
CA LEU B 287 19.59 -8.99 -14.38
C LEU B 287 19.10 -10.20 -13.60
N GLU B 288 18.71 -9.93 -12.36
CA GLU B 288 18.12 -10.90 -11.42
C GLU B 288 16.64 -11.12 -11.70
N VAL B 289 16.35 -12.14 -12.53
CA VAL B 289 15.00 -12.35 -13.03
C VAL B 289 14.26 -13.29 -12.08
N CYS B 290 13.00 -12.93 -11.86
CA CYS B 290 12.12 -13.62 -10.92
C CYS B 290 10.88 -13.98 -11.69
N PRO B 291 10.90 -15.14 -12.43
CA PRO B 291 9.74 -15.52 -13.29
C PRO B 291 8.33 -15.54 -12.68
N ILE B 292 8.13 -16.28 -11.59
CA ILE B 292 6.83 -16.46 -10.99
C ILE B 292 6.34 -15.13 -10.34
N SER B 293 7.24 -14.43 -9.66
CA SER B 293 6.94 -13.09 -9.20
C SER B 293 6.31 -12.23 -10.31
N ASN B 294 6.98 -12.15 -11.46
CA ASN B 294 6.63 -11.25 -12.54
C ASN B 294 5.24 -11.60 -13.07
N LEU B 295 4.95 -12.89 -13.16
CA LEU B 295 3.65 -13.38 -13.60
C LEU B 295 2.54 -13.09 -12.60
N LEU B 296 2.76 -13.41 -11.33
CA LEU B 296 1.72 -13.23 -10.35
C LEU B 296 1.39 -11.77 -10.08
N LEU B 297 2.35 -10.87 -10.24
CA LEU B 297 2.05 -9.44 -10.08
C LEU B 297 1.74 -8.77 -11.42
N ASN B 298 1.52 -9.57 -12.46
CA ASN B 298 1.09 -9.04 -13.76
C ASN B 298 2.09 -8.07 -14.35
N ASN B 299 3.38 -8.30 -14.09
CA ASN B 299 4.40 -7.50 -14.75
C ASN B 299 4.83 -8.08 -16.09
N VAL B 300 4.25 -9.23 -16.43
CA VAL B 300 4.34 -9.87 -17.76
C VAL B 300 2.93 -10.37 -18.03
N LYS B 301 2.59 -10.54 -19.31
CA LYS B 301 1.20 -10.95 -19.59
C LYS B 301 0.98 -12.47 -19.40
N SER B 302 2.03 -13.26 -19.53
CA SER B 302 1.91 -14.73 -19.39
C SER B 302 3.32 -15.23 -19.26
N MET B 303 3.53 -16.46 -18.82
CA MET B 303 4.92 -16.97 -18.72
C MET B 303 5.53 -17.10 -20.12
N ASP B 304 4.68 -17.60 -20.98
CA ASP B 304 4.95 -18.05 -22.32
C ASP B 304 5.44 -16.65 -23.01
N THR B 305 5.05 -15.46 -22.51
CA THR B 305 5.68 -14.16 -22.99
C THR B 305 6.70 -13.40 -22.07
N HIS B 306 7.32 -14.10 -21.14
CA HIS B 306 8.27 -13.44 -20.25
C HIS B 306 9.52 -12.98 -21.01
N PRO B 307 9.96 -11.71 -20.82
CA PRO B 307 11.15 -11.15 -21.48
C PRO B 307 12.47 -11.87 -21.29
N ILE B 308 12.57 -12.80 -20.34
CA ILE B 308 13.87 -13.51 -20.10
C ILE B 308 14.42 -14.29 -21.34
N ARG B 309 13.51 -14.80 -22.15
CA ARG B 309 13.88 -15.52 -23.39
C ARG B 309 14.55 -14.54 -24.39
N LYS B 310 13.87 -13.45 -24.70
CA LYS B 310 14.46 -12.37 -25.51
C LYS B 310 15.78 -11.87 -24.94
N LEU B 311 15.84 -11.67 -23.62
CA LEU B 311 17.02 -11.14 -23.00
C LEU B 311 18.17 -12.09 -23.12
N TYR B 312 17.89 -13.36 -22.83
CA TYR B 312 18.91 -14.40 -22.83
C TYR B 312 19.48 -14.46 -24.27
N ASP B 313 18.56 -14.58 -25.21
CA ASP B 313 18.90 -14.71 -26.64
C ASP B 313 19.69 -13.47 -27.11
N ALA B 314 19.38 -12.28 -26.55
CA ALA B 314 20.09 -11.03 -26.84
C ALA B 314 21.51 -10.91 -26.30
N GLY B 315 21.95 -11.86 -25.47
CA GLY B 315 23.34 -11.80 -24.96
C GLY B 315 23.47 -11.14 -23.58
N VAL B 316 22.34 -10.76 -22.98
CA VAL B 316 22.26 -10.13 -21.66
C VAL B 316 22.48 -11.14 -20.54
N LYS B 317 23.34 -10.81 -19.59
CA LYS B 317 23.51 -11.69 -18.43
C LYS B 317 22.26 -11.64 -17.53
N VAL B 318 21.65 -12.81 -17.33
CA VAL B 318 20.42 -12.97 -16.50
C VAL B 318 20.58 -14.19 -15.59
N SER B 319 19.86 -14.18 -14.45
CA SER B 319 19.83 -15.32 -13.53
C SER B 319 18.39 -15.59 -13.05
N VAL B 320 18.14 -16.78 -12.52
CA VAL B 320 16.82 -17.23 -12.11
C VAL B 320 16.74 -17.16 -10.57
N ASN B 321 15.63 -16.58 -10.11
CA ASN B 321 15.43 -16.25 -8.68
C ASN B 321 13.99 -16.50 -8.32
N SER B 322 13.71 -16.66 -7.01
CA SER B 322 12.32 -16.91 -6.55
C SER B 322 11.57 -15.63 -6.00
N ASP B 323 12.33 -14.62 -5.55
CA ASP B 323 11.75 -13.37 -5.03
C ASP B 323 11.13 -13.53 -3.62
N ASP B 324 9.94 -14.14 -3.54
CA ASP B 324 9.18 -14.21 -2.27
C ASP B 324 8.55 -15.57 -2.13
N PRO B 325 9.35 -16.62 -1.79
CA PRO B 325 8.78 -17.91 -1.69
C PRO B 325 7.52 -18.07 -0.82
N GLY B 326 7.42 -17.38 0.31
CA GLY B 326 6.24 -17.56 1.14
C GLY B 326 5.00 -16.88 0.56
N MET B 327 5.14 -15.68 0.00
CA MET B 327 3.95 -15.01 -0.63
C MET B 327 3.35 -15.80 -1.78
N PHE B 328 4.26 -16.45 -2.53
CA PHE B 328 3.93 -17.08 -3.82
C PHE B 328 3.75 -18.60 -3.72
N LEU B 329 3.99 -19.17 -2.52
CA LEU B 329 4.20 -20.61 -2.27
C LEU B 329 4.93 -21.31 -3.44
N SER B 330 6.04 -20.69 -3.83
CA SER B 330 6.82 -21.15 -4.93
C SER B 330 8.26 -20.81 -4.65
N ASN B 331 9.09 -21.85 -4.53
CA ASN B 331 10.52 -21.69 -4.25
C ASN B 331 11.32 -21.72 -5.59
N ILE B 332 12.63 -21.88 -5.53
CA ILE B 332 13.48 -21.68 -6.70
C ILE B 332 13.27 -22.73 -7.82
N ASN B 333 13.21 -24.02 -7.49
CA ASN B 333 13.00 -25.07 -8.51
C ASN B 333 11.68 -24.93 -9.30
N ASP B 334 10.62 -24.43 -8.64
CA ASP B 334 9.37 -24.08 -9.36
C ASP B 334 9.59 -23.07 -10.49
N ASN B 335 10.55 -22.19 -10.33
CA ASN B 335 10.88 -21.17 -11.33
C ASN B 335 11.58 -21.77 -12.56
N TYR B 336 12.52 -22.67 -12.29
CA TYR B 336 13.16 -23.51 -13.31
C TYR B 336 12.15 -24.26 -14.13
N GLU B 337 11.20 -24.92 -13.44
CA GLU B 337 10.14 -25.66 -14.10
C GLU B 337 9.30 -24.79 -15.07
N LYS B 338 8.87 -23.62 -14.62
CA LYS B 338 8.17 -22.65 -15.48
C LYS B 338 8.96 -22.30 -16.75
N LEU B 339 10.25 -21.99 -16.57
CA LEU B 339 11.12 -21.60 -17.67
C LEU B 339 11.26 -22.75 -18.66
N TYR B 340 11.40 -23.98 -18.14
CA TYR B 340 11.46 -25.19 -19.00
C TYR B 340 10.16 -25.41 -19.80
N ILE B 341 9.03 -25.32 -19.12
CA ILE B 341 7.76 -25.60 -19.75
C ILE B 341 7.39 -24.61 -20.85
N HIS B 342 7.56 -23.33 -20.55
CA HIS B 342 6.94 -22.23 -21.27
C HIS B 342 7.87 -21.40 -22.13
N LEU B 343 9.18 -21.49 -21.86
CA LEU B 343 10.16 -20.60 -22.50
C LEU B 343 11.35 -21.38 -23.06
N ASN B 344 11.21 -22.70 -23.18
CA ASN B 344 12.15 -23.57 -23.90
C ASN B 344 13.54 -23.60 -23.34
N PHE B 345 13.65 -23.49 -22.00
CA PHE B 345 14.99 -23.40 -21.42
C PHE B 345 15.53 -24.78 -21.28
N THR B 346 16.83 -24.90 -21.57
CA THR B 346 17.49 -26.17 -21.54
C THR B 346 18.45 -26.20 -20.38
N LEU B 347 18.93 -27.42 -20.08
CA LEU B 347 19.82 -27.63 -18.95
C LEU B 347 21.12 -26.87 -19.17
N GLU B 348 21.58 -26.83 -20.44
CA GLU B 348 22.75 -26.02 -20.82
C GLU B 348 22.62 -24.52 -20.51
N GLU B 349 21.45 -23.93 -20.82
CA GLU B 349 21.22 -22.50 -20.57
C GLU B 349 21.11 -22.21 -19.03
N PHE B 350 20.47 -23.13 -18.31
CA PHE B 350 20.39 -23.09 -16.84
C PHE B 350 21.80 -23.11 -16.21
N MET B 351 22.70 -23.95 -16.72
CA MET B 351 24.10 -23.99 -16.27
C MET B 351 24.87 -22.73 -16.53
N ILE B 352 24.69 -22.16 -17.72
CA ILE B 352 25.27 -20.87 -18.10
C ILE B 352 24.81 -19.67 -17.23
N MET B 353 23.51 -19.54 -17.05
CA MET B 353 22.97 -18.53 -16.15
C MET B 353 23.51 -18.68 -14.72
N ASN B 354 23.57 -19.92 -14.27
CA ASN B 354 23.98 -20.23 -12.91
C ASN B 354 25.42 -19.82 -12.64
N ASN B 355 26.28 -20.05 -13.64
CA ASN B 355 27.68 -19.63 -13.59
C ASN B 355 27.81 -18.13 -13.65
N TRP B 356 26.92 -17.48 -14.41
CA TRP B 356 26.87 -15.99 -14.42
C TRP B 356 26.52 -15.46 -13.03
N ALA B 357 25.52 -16.10 -12.43
CA ALA B 357 25.07 -15.72 -11.05
C ALA B 357 26.23 -15.90 -10.04
N PHE B 358 26.97 -17.00 -10.17
CA PHE B 358 28.17 -17.20 -9.36
C PHE B 358 29.20 -16.03 -9.53
N GLU B 359 29.54 -15.75 -10.79
CA GLU B 359 30.41 -14.66 -11.16
C GLU B 359 30.01 -13.30 -10.60
N LYS B 360 28.70 -13.03 -10.60
CA LYS B 360 28.10 -11.80 -10.12
C LYS B 360 27.65 -11.77 -8.65
N SER B 361 27.87 -12.88 -7.93
CA SER B 361 27.59 -12.96 -6.49
C SER B 361 28.47 -11.95 -5.74
N PHE B 362 27.89 -11.39 -4.66
CA PHE B 362 28.55 -10.39 -3.81
C PHE B 362 29.39 -11.00 -2.68
N VAL B 363 29.47 -12.32 -2.61
CA VAL B 363 30.14 -12.99 -1.49
C VAL B 363 31.67 -12.82 -1.56
N SER B 364 32.39 -13.12 -0.48
CA SER B 364 33.83 -12.85 -0.50
C SER B 364 34.60 -13.78 -1.47
N ASP B 365 35.83 -13.37 -1.76
CA ASP B 365 36.79 -14.20 -2.47
C ASP B 365 37.04 -15.53 -1.80
N ASP B 366 37.14 -15.53 -0.46
CA ASP B 366 37.32 -16.79 0.27
C ASP B 366 36.13 -17.71 0.03
N VAL B 367 34.91 -17.17 0.10
CA VAL B 367 33.73 -18.01 -0.18
C VAL B 367 33.74 -18.52 -1.64
N LYS B 368 33.98 -17.65 -2.60
CA LYS B 368 34.08 -18.10 -4.01
C LYS B 368 35.16 -19.18 -4.26
N SER B 369 36.33 -19.05 -3.61
CA SER B 369 37.41 -20.06 -3.74
C SER B 369 36.93 -21.43 -3.29
N GLU B 370 36.23 -21.44 -2.16
CA GLU B 370 35.63 -22.65 -1.66
C GLU B 370 34.63 -23.25 -2.66
N LEU B 371 33.78 -22.41 -3.25
CA LEU B 371 32.78 -22.94 -4.22
C LEU B 371 33.33 -23.29 -5.61
N LYS B 372 34.39 -22.61 -6.04
CA LYS B 372 35.10 -23.00 -7.31
C LYS B 372 35.70 -24.38 -7.20
N ALA B 373 36.11 -24.76 -5.99
CA ALA B 373 36.68 -26.07 -5.77
C ALA B 373 35.64 -27.20 -5.92
N LEU B 374 34.35 -26.84 -5.94
CA LEU B 374 33.29 -27.85 -6.09
C LEU B 374 32.63 -27.86 -7.47
N TYR B 375 32.05 -26.70 -7.86
CA TYR B 375 31.03 -26.61 -8.90
C TYR B 375 31.41 -25.61 -9.96
N PHE B 376 32.32 -24.69 -9.66
CA PHE B 376 32.54 -23.61 -10.62
C PHE B 376 33.99 -23.55 -11.13
CO CO C . -10.38 11.84 1.26
CO CO D . -36.44 14.41 5.74
UNK UNX E . -6.52 5.16 -11.07
UNK UNX F . -14.74 4.78 -12.62
UNK UNX G . -2.29 34.56 14.16
UNK UNX H . -10.16 -2.87 -10.96
UNK UNX I . -5.26 8.84 1.37
CO CO J . 12.43 -8.45 -5.04
CO CO K . 12.99 5.18 -2.99
CO CO L . 32.61 -22.34 4.17
UNK UNX M . 8.49 -7.22 -4.87
#